data_6ZLB
#
_entry.id   6ZLB
#
_cell.length_a   147.754
_cell.length_b   101.830
_cell.length_c   60.415
_cell.angle_alpha   90.00
_cell.angle_beta   113.09
_cell.angle_gamma   90.00
#
_symmetry.space_group_name_H-M   'C 1 2 1'
#
loop_
_entity.id
_entity.type
_entity.pdbx_description
1 polymer 'Thioredoxin glutathione reductase'
2 non-polymer 'FLAVIN-ADENINE DINUCLEOTIDE'
3 non-polymer 1~{H}-indol-3-ylmethanol
4 non-polymer 'DIMETHYL SULFOXIDE'
5 non-polymer 'TRIETHYLENE GLYCOL'
6 non-polymer 'POTASSIUM ION'
7 water water
#
_entity_poly.entity_id   1
_entity_poly.type   'polypeptide(L)'
_entity_poly.pdbx_seq_one_letter_code
;MPPADGTSQWLRKTVDSAAVILFSKTTCPYCKKVKDVLAEAKIKHATIELDQLSNGSAIQKCLASFSKIETVPQMFVRGK
FIGDSQTVLKYYSNDELAGIVNESKYDYDLIVIGGGSGGLAAGKEAAKYGAKTAVLDYVEPTPIGTTWGLGGTCVNVGCI
PKKLMHQAGLLSHALEDAEHFGWSLDRSKISHNWSTMVEGVQSHIGSLNWGYKVALRDNQVTYLNAKGRLISPHEVQITD
KNQKVSTITGNKIILATGERPKYPEIPGAVEYGITSDDLFSLPYFPGKTLVIGASYVALECAGFLASLGGDVTVMVRSIL
LRGFDQQMAEKVGDYMENHGVKFAKLCVPDEIKQLKVVDTENNKPGLLLVKGHYTDGKKFEEEFETVIFAVGREPQLSKV
LCETVGVKLDKNGRVVCTDDEQTTVSNVYAIGDINAGKPQLTPVAIQAGRYLARRLFAGATELTDYSNVATTVFTPLEYG
ACGLSEEDAIEKYGDKDIEVYHSNFKPLEWTVAHREDNVCYMKLVCRKSDNMRVLGLHVLGPNAGEITQGYAVAIKMGAT
KADFDRTIGIHPTCSETFTTLHVTKKSGVSPIVSGCUG
;
_entity_poly.pdbx_strand_id   A
#
loop_
_chem_comp.id
_chem_comp.type
_chem_comp.name
_chem_comp.formula
DMS non-polymer 'DIMETHYL SULFOXIDE' 'C2 H6 O S'
FAD non-polymer 'FLAVIN-ADENINE DINUCLEOTIDE' 'C27 H33 N9 O15 P2'
FXK non-polymer 1~{H}-indol-3-ylmethanol 'C9 H9 N O'
K non-polymer 'POTASSIUM ION' 'K 1'
PGE non-polymer 'TRIETHYLENE GLYCOL' 'C6 H14 O4'
#
# COMPACT_ATOMS: atom_id res chain seq x y z
N GLY A 6 19.60 0.94 28.46
CA GLY A 6 18.60 -0.12 28.36
C GLY A 6 19.06 -1.29 27.53
N THR A 7 20.37 -1.61 27.64
CA THR A 7 20.90 -2.77 26.94
C THR A 7 20.31 -4.06 27.50
N SER A 8 20.28 -4.20 28.82
CA SER A 8 19.67 -5.39 29.41
C SER A 8 18.20 -5.47 29.01
N GLN A 9 17.51 -4.33 28.95
CA GLN A 9 16.09 -4.32 28.60
C GLN A 9 15.89 -4.80 27.16
N TRP A 10 16.73 -4.36 26.24
CA TRP A 10 16.67 -4.88 24.87
C TRP A 10 16.95 -6.38 24.85
N LEU A 11 17.93 -6.84 25.62
CA LEU A 11 18.26 -8.26 25.58
C LEU A 11 17.09 -9.10 26.06
N ARG A 12 16.49 -8.72 27.19
CA ARG A 12 15.36 -9.48 27.71
C ARG A 12 14.25 -9.56 26.67
N LYS A 13 13.87 -8.41 26.10
CA LYS A 13 12.82 -8.41 25.10
C LYS A 13 13.21 -9.28 23.91
N THR A 14 14.46 -9.18 23.46
CA THR A 14 14.89 -9.95 22.29
C THR A 14 14.84 -11.44 22.56
N VAL A 15 15.33 -11.86 23.73
CA VAL A 15 15.34 -13.28 24.05
C VAL A 15 13.92 -13.79 24.22
N ASP A 16 13.06 -13.03 24.88
CA ASP A 16 11.69 -13.50 25.13
C ASP A 16 10.89 -13.67 23.85
N SER A 17 11.10 -12.84 22.82
CA SER A 17 10.23 -12.90 21.65
C SER A 17 10.83 -13.62 20.44
N ALA A 18 12.14 -13.76 20.36
CA ALA A 18 12.71 -14.47 19.23
C ALA A 18 12.32 -15.94 19.28
N ALA A 19 12.07 -16.53 18.11
CA ALA A 19 11.71 -17.95 18.06
C ALA A 19 12.95 -18.82 18.16
N VAL A 20 13.96 -18.54 17.33
CA VAL A 20 15.24 -19.23 17.41
C VAL A 20 16.31 -18.19 17.15
N ILE A 21 17.23 -18.00 18.11
CA ILE A 21 18.21 -16.94 17.98
C ILE A 21 19.57 -17.42 18.48
N LEU A 22 20.61 -17.08 17.74
CA LEU A 22 21.97 -17.47 18.02
C LEU A 22 22.78 -16.22 18.31
N PHE A 23 23.43 -16.18 19.47
CA PHE A 23 24.33 -15.11 19.85
C PHE A 23 25.72 -15.56 19.48
N SER A 24 26.41 -14.77 18.66
CA SER A 24 27.62 -15.24 17.98
C SER A 24 28.65 -14.13 17.94
N LYS A 25 29.83 -14.45 17.41
CA LYS A 25 30.78 -13.46 16.95
C LYS A 25 31.26 -13.84 15.54
N THR A 26 31.63 -12.83 14.76
CA THR A 26 32.04 -13.06 13.37
C THR A 26 33.25 -13.99 13.31
N THR A 27 34.25 -13.74 14.15
CA THR A 27 35.44 -14.57 14.21
C THR A 27 35.31 -15.47 15.42
N CYS A 28 34.63 -16.60 15.24
CA CYS A 28 34.34 -17.56 16.30
C CYS A 28 34.15 -18.93 15.66
N PRO A 29 35.18 -19.78 15.62
CA PRO A 29 35.02 -21.10 14.97
C PRO A 29 33.93 -21.95 15.60
N TYR A 30 33.72 -21.87 16.91
CA TYR A 30 32.64 -22.63 17.53
C TYR A 30 31.26 -22.12 17.12
N CYS A 31 31.12 -20.81 16.91
CA CYS A 31 29.87 -20.28 16.37
C CYS A 31 29.64 -20.78 14.96
N LYS A 32 30.70 -20.84 14.14
CA LYS A 32 30.55 -21.35 12.78
C LYS A 32 30.12 -22.82 12.80
N LYS A 33 30.66 -23.60 13.74
CA LYS A 33 30.21 -24.98 13.89
C LYS A 33 28.70 -25.04 14.09
N VAL A 34 28.17 -24.21 14.99
CA VAL A 34 26.73 -24.23 15.21
C VAL A 34 26.00 -23.74 13.97
N LYS A 35 26.44 -22.62 13.39
CA LYS A 35 25.79 -22.10 12.19
C LYS A 35 25.71 -23.15 11.10
N ASP A 36 26.81 -23.87 10.86
CA ASP A 36 26.83 -24.87 9.81
C ASP A 36 25.85 -26.00 10.12
N VAL A 37 25.82 -26.45 11.38
CA VAL A 37 24.86 -27.47 11.78
C VAL A 37 23.44 -26.98 11.53
N LEU A 38 23.10 -25.79 12.03
CA LEU A 38 21.76 -25.27 11.82
C LEU A 38 21.44 -25.16 10.33
N ALA A 39 22.42 -24.76 9.51
CA ALA A 39 22.19 -24.68 8.08
C ALA A 39 21.88 -26.06 7.49
N GLU A 40 22.69 -27.06 7.84
CA GLU A 40 22.45 -28.41 7.34
C GLU A 40 21.08 -28.90 7.77
N ALA A 41 20.75 -28.71 9.05
CA ALA A 41 19.43 -29.09 9.55
C ALA A 41 18.32 -28.22 9.00
N LYS A 42 18.65 -27.17 8.25
CA LYS A 42 17.65 -26.26 7.70
C LYS A 42 16.78 -25.70 8.82
N ILE A 43 17.42 -25.38 9.93
CA ILE A 43 16.80 -24.66 11.04
C ILE A 43 17.08 -23.18 10.84
N LYS A 44 16.02 -22.41 10.56
CA LYS A 44 16.15 -20.98 10.38
C LYS A 44 16.18 -20.28 11.73
N HIS A 45 16.95 -19.20 11.81
CA HIS A 45 17.20 -18.52 13.07
C HIS A 45 17.73 -17.12 12.83
N ALA A 46 17.53 -16.28 13.83
CA ALA A 46 18.20 -14.99 13.87
C ALA A 46 19.60 -15.18 14.41
N THR A 47 20.47 -14.21 14.10
CA THR A 47 21.84 -14.21 14.58
C THR A 47 22.20 -12.82 15.03
N ILE A 48 22.83 -12.72 16.20
CA ILE A 48 23.31 -11.46 16.73
C ILE A 48 24.81 -11.59 16.87
N GLU A 49 25.54 -10.90 16.01
CA GLU A 49 26.99 -10.90 16.06
C GLU A 49 27.45 -9.87 17.09
N LEU A 50 27.84 -10.34 18.27
CA LEU A 50 28.13 -9.42 19.37
C LEU A 50 29.34 -8.55 19.09
N ASP A 51 30.24 -8.97 18.20
CA ASP A 51 31.40 -8.17 17.85
C ASP A 51 31.04 -6.94 17.01
N GLN A 52 29.88 -6.95 16.36
CA GLN A 52 29.43 -5.83 15.54
C GLN A 52 28.45 -4.93 16.29
N LEU A 53 28.39 -5.04 17.61
CA LEU A 53 27.56 -4.18 18.44
C LEU A 53 28.45 -3.43 19.41
N SER A 54 28.21 -2.12 19.56
CA SER A 54 29.02 -1.33 20.47
C SER A 54 28.93 -1.84 21.90
N ASN A 55 27.72 -2.21 22.33
CA ASN A 55 27.48 -2.77 23.66
C ASN A 55 27.60 -4.28 23.69
N GLY A 56 28.38 -4.86 22.77
CA GLY A 56 28.46 -6.32 22.69
C GLY A 56 29.04 -6.94 23.94
N SER A 57 30.02 -6.29 24.56
CA SER A 57 30.62 -6.84 25.77
C SER A 57 29.63 -6.85 26.92
N ALA A 58 28.83 -5.79 27.05
CA ALA A 58 27.82 -5.76 28.12
C ALA A 58 26.72 -6.78 27.87
N ILE A 59 26.34 -6.98 26.61
CA ILE A 59 25.31 -7.98 26.28
C ILE A 59 25.83 -9.38 26.58
N GLN A 60 27.09 -9.64 26.23
CA GLN A 60 27.68 -10.94 26.47
C GLN A 60 27.65 -11.30 27.95
N LYS A 61 27.94 -10.33 28.82
CA LYS A 61 27.86 -10.57 30.26
C LYS A 61 26.41 -10.73 30.71
N CYS A 62 25.50 -9.92 30.17
CA CYS A 62 24.11 -9.99 30.58
C CYS A 62 23.45 -11.30 30.16
N LEU A 63 23.99 -11.98 29.15
CA LEU A 63 23.45 -13.28 28.75
C LEU A 63 23.52 -14.30 29.89
N ALA A 64 24.54 -14.18 30.75
CA ALA A 64 24.71 -15.15 31.83
C ALA A 64 23.49 -15.19 32.75
N SER A 65 22.76 -14.08 32.85
CA SER A 65 21.56 -14.07 33.67
C SER A 65 20.48 -15.00 33.11
N PHE A 66 20.54 -15.34 31.82
CA PHE A 66 19.69 -16.37 31.26
C PHE A 66 20.35 -17.74 31.25
N SER A 67 21.63 -17.82 30.89
CA SER A 67 22.27 -19.09 30.57
C SER A 67 23.30 -19.57 31.58
N LYS A 68 23.75 -18.71 32.50
CA LYS A 68 24.81 -18.96 33.46
C LYS A 68 26.20 -18.77 32.84
N ILE A 69 26.31 -18.55 31.54
CA ILE A 69 27.60 -18.44 30.88
C ILE A 69 27.68 -17.15 30.07
N GLU A 70 28.91 -16.70 29.85
CA GLU A 70 29.17 -15.48 29.09
C GLU A 70 29.91 -15.74 27.79
N THR A 71 29.99 -16.99 27.35
CA THR A 71 30.71 -17.33 26.14
C THR A 71 29.76 -17.32 24.93
N VAL A 72 30.35 -17.33 23.74
CA VAL A 72 29.57 -17.53 22.51
C VAL A 72 30.06 -18.82 21.85
N PRO A 73 29.21 -19.54 21.09
CA PRO A 73 27.82 -19.21 20.81
C PRO A 73 26.86 -19.53 21.97
N GLN A 74 25.69 -18.89 21.95
CA GLN A 74 24.60 -19.24 22.86
C GLN A 74 23.32 -19.28 22.05
N MET A 75 22.62 -20.41 22.09
CA MET A 75 21.40 -20.61 21.31
C MET A 75 20.19 -20.58 22.23
N PHE A 76 19.16 -19.84 21.83
CA PHE A 76 17.90 -19.74 22.56
C PHE A 76 16.75 -20.16 21.66
N VAL A 77 15.76 -20.82 22.25
CA VAL A 77 14.52 -21.13 21.56
C VAL A 77 13.38 -20.62 22.42
N ARG A 78 12.61 -19.67 21.88
CA ARG A 78 11.41 -19.14 22.52
C ARG A 78 11.69 -18.80 23.99
N GLY A 79 12.81 -18.11 24.21
CA GLY A 79 13.15 -17.62 25.53
C GLY A 79 13.92 -18.59 26.40
N LYS A 80 14.14 -19.82 25.94
CA LYS A 80 14.85 -20.83 26.72
C LYS A 80 16.26 -20.96 26.18
N PHE A 81 17.25 -20.83 27.07
CA PHE A 81 18.62 -21.15 26.70
C PHE A 81 18.72 -22.64 26.38
N ILE A 82 19.28 -22.96 25.20
CA ILE A 82 19.39 -24.33 24.74
C ILE A 82 20.78 -24.90 24.97
N GLY A 83 21.83 -24.13 24.70
CA GLY A 83 23.16 -24.59 25.03
C GLY A 83 24.25 -23.82 24.31
N ASP A 84 25.48 -24.17 24.66
CA ASP A 84 26.66 -23.71 23.96
C ASP A 84 26.89 -24.61 22.74
N SER A 85 28.10 -24.57 22.17
CA SER A 85 28.34 -25.32 20.94
C SER A 85 28.31 -26.82 21.20
N GLN A 86 28.95 -27.29 22.27
CA GLN A 86 28.99 -28.73 22.54
C GLN A 86 27.59 -29.28 22.76
N THR A 87 26.74 -28.50 23.43
CA THR A 87 25.40 -28.96 23.74
C THR A 87 24.53 -29.01 22.49
N VAL A 88 24.53 -27.93 21.70
CA VAL A 88 23.75 -27.93 20.47
C VAL A 88 24.20 -29.05 19.54
N LEU A 89 25.53 -29.23 19.41
CA LEU A 89 26.01 -30.28 18.52
C LEU A 89 25.63 -31.66 19.04
N LYS A 90 25.66 -31.86 20.36
CA LYS A 90 25.24 -33.16 20.90
C LYS A 90 23.77 -33.41 20.62
N TYR A 91 22.93 -32.40 20.81
CA TYR A 91 21.52 -32.55 20.45
C TYR A 91 21.36 -32.96 18.99
N TYR A 92 22.07 -32.27 18.10
CA TYR A 92 21.97 -32.57 16.67
C TYR A 92 22.40 -34.00 16.39
N SER A 93 23.53 -34.44 16.97
CA SER A 93 24.01 -35.78 16.71
C SER A 93 23.06 -36.83 17.27
N ASN A 94 22.30 -36.47 18.31
CA ASN A 94 21.31 -37.36 18.90
C ASN A 94 19.95 -37.27 18.20
N ASP A 95 19.86 -36.53 17.09
CA ASP A 95 18.60 -36.32 16.40
C ASP A 95 17.52 -35.73 17.33
N GLU A 96 17.96 -34.98 18.33
CA GLU A 96 17.04 -34.33 19.26
C GLU A 96 16.84 -32.84 18.98
N LEU A 97 17.74 -32.22 18.21
CA LEU A 97 17.65 -30.77 18.01
C LEU A 97 16.34 -30.38 17.33
N ALA A 98 15.90 -31.15 16.33
CA ALA A 98 14.68 -30.81 15.61
C ALA A 98 13.50 -30.65 16.57
N GLY A 99 13.35 -31.58 17.51
CA GLY A 99 12.25 -31.49 18.46
C GLY A 99 12.36 -30.27 19.35
N ILE A 100 13.57 -29.95 19.79
CA ILE A 100 13.74 -28.82 20.70
C ILE A 100 13.35 -27.52 20.01
N VAL A 101 13.81 -27.31 18.77
CA VAL A 101 13.53 -26.04 18.09
C VAL A 101 12.05 -25.89 17.76
N ASN A 102 11.29 -26.97 17.72
CA ASN A 102 9.86 -26.92 17.42
C ASN A 102 8.97 -26.84 18.67
N GLU A 103 9.56 -26.90 19.87
CA GLU A 103 8.76 -26.86 21.09
C GLU A 103 8.21 -25.47 21.32
N SER A 104 6.89 -25.37 21.52
CA SER A 104 6.24 -24.08 21.72
C SER A 104 4.96 -24.27 22.52
N LYS A 105 4.61 -23.25 23.32
CA LYS A 105 3.30 -23.22 23.97
C LYS A 105 2.17 -23.11 22.95
N TYR A 106 2.43 -22.46 21.83
CA TYR A 106 1.42 -22.13 20.84
C TYR A 106 1.66 -22.90 19.56
N ASP A 107 0.61 -22.98 18.72
CA ASP A 107 0.78 -23.64 17.42
C ASP A 107 1.79 -22.88 16.57
N TYR A 108 1.77 -21.55 16.63
CA TYR A 108 2.60 -20.69 15.82
C TYR A 108 3.28 -19.62 16.67
N ASP A 109 4.48 -19.21 16.25
CA ASP A 109 5.09 -18.01 16.80
C ASP A 109 4.35 -16.76 16.36
N LEU A 110 3.78 -16.79 15.16
CA LEU A 110 3.13 -15.63 14.56
C LEU A 110 1.93 -16.11 13.79
N ILE A 111 0.79 -15.48 14.03
CA ILE A 111 -0.37 -15.62 13.16
C ILE A 111 -0.61 -14.25 12.54
N VAL A 112 -0.56 -14.19 11.21
CA VAL A 112 -0.94 -13.00 10.45
C VAL A 112 -2.39 -13.18 10.00
N ILE A 113 -3.26 -12.27 10.40
CA ILE A 113 -4.64 -12.27 9.94
C ILE A 113 -4.70 -11.29 8.78
N GLY A 114 -4.73 -11.82 7.56
CA GLY A 114 -4.78 -11.01 6.37
C GLY A 114 -3.60 -11.26 5.46
N GLY A 115 -3.89 -11.67 4.23
CA GLY A 115 -2.85 -12.04 3.28
C GLY A 115 -2.70 -11.03 2.16
N GLY A 116 -2.57 -9.76 2.52
CA GLY A 116 -2.36 -8.70 1.57
C GLY A 116 -0.95 -8.16 1.62
N SER A 117 -0.83 -6.90 1.20
CA SER A 117 0.50 -6.29 1.07
C SER A 117 1.30 -6.40 2.37
N GLY A 118 0.72 -5.93 3.47
CA GLY A 118 1.44 -5.92 4.73
C GLY A 118 1.60 -7.32 5.29
N GLY A 119 0.51 -8.10 5.30
CA GLY A 119 0.52 -9.38 5.97
C GLY A 119 1.46 -10.38 5.34
N LEU A 120 1.44 -10.48 3.99
CA LEU A 120 2.38 -11.36 3.33
C LEU A 120 3.81 -10.92 3.61
N ALA A 121 4.06 -9.62 3.54
CA ALA A 121 5.42 -9.12 3.77
C ALA A 121 5.88 -9.46 5.17
N ALA A 122 5.02 -9.25 6.17
CA ALA A 122 5.37 -9.56 7.55
C ALA A 122 5.62 -11.05 7.73
N GLY A 123 4.73 -11.88 7.19
CA GLY A 123 4.84 -13.31 7.41
C GLY A 123 6.09 -13.91 6.79
N LYS A 124 6.38 -13.52 5.55
CA LYS A 124 7.58 -14.00 4.89
C LYS A 124 8.83 -13.59 5.66
N GLU A 125 8.86 -12.34 6.14
CA GLU A 125 10.06 -11.86 6.80
C GLU A 125 10.25 -12.56 8.14
N ALA A 126 9.15 -12.83 8.85
CA ALA A 126 9.27 -13.48 10.15
C ALA A 126 9.80 -14.90 10.00
N ALA A 127 9.35 -15.61 8.97
CA ALA A 127 9.77 -16.99 8.79
C ALA A 127 11.26 -17.09 8.51
N LYS A 128 11.82 -16.04 7.91
CA LYS A 128 13.25 -15.98 7.65
C LYS A 128 14.07 -16.18 8.92
N TYR A 129 13.52 -15.76 10.07
CA TYR A 129 14.22 -15.86 11.36
C TYR A 129 13.73 -17.03 12.20
N GLY A 130 13.04 -17.99 11.60
CA GLY A 130 12.66 -19.19 12.30
C GLY A 130 11.33 -19.12 13.01
N ALA A 131 10.59 -18.03 12.88
CA ALA A 131 9.26 -17.97 13.47
C ALA A 131 8.32 -18.91 12.72
N LYS A 132 7.68 -19.83 13.43
CA LYS A 132 6.67 -20.68 12.81
C LYS A 132 5.43 -19.81 12.57
N THR A 133 5.10 -19.62 11.31
CA THR A 133 4.20 -18.56 10.88
C THR A 133 3.02 -19.12 10.12
N ALA A 134 1.83 -18.60 10.42
CA ALA A 134 0.63 -18.87 9.63
C ALA A 134 0.09 -17.56 9.07
N VAL A 135 -0.30 -17.57 7.80
CA VAL A 135 -0.91 -16.42 7.14
C VAL A 135 -2.31 -16.83 6.75
N LEU A 136 -3.30 -16.14 7.31
CA LEU A 136 -4.70 -16.36 7.02
C LEU A 136 -5.17 -15.33 6.00
N ASP A 137 -5.84 -15.79 4.95
CA ASP A 137 -6.44 -14.84 4.01
C ASP A 137 -7.78 -15.37 3.54
N TYR A 138 -8.76 -14.47 3.53
CA TYR A 138 -10.09 -14.79 3.02
C TYR A 138 -10.63 -13.52 2.39
N VAL A 139 -11.29 -13.68 1.26
CA VAL A 139 -11.81 -12.56 0.48
C VAL A 139 -13.33 -12.67 0.53
N GLU A 140 -13.95 -11.87 1.37
CA GLU A 140 -15.41 -11.83 1.40
C GLU A 140 -15.92 -11.36 0.05
N PRO A 141 -16.84 -12.09 -0.59
CA PRO A 141 -17.28 -11.68 -1.93
C PRO A 141 -18.00 -10.34 -1.91
N THR A 142 -17.93 -9.63 -3.04
CA THR A 142 -18.70 -8.41 -3.23
C THR A 142 -20.19 -8.74 -3.30
N PRO A 143 -21.05 -7.73 -3.29
CA PRO A 143 -22.49 -7.99 -3.44
C PRO A 143 -22.88 -8.80 -4.67
N ILE A 144 -22.19 -8.63 -5.80
CA ILE A 144 -22.52 -9.42 -6.99
C ILE A 144 -21.76 -10.75 -7.05
N GLY A 145 -20.92 -11.06 -6.05
CA GLY A 145 -20.29 -12.36 -5.98
C GLY A 145 -18.82 -12.37 -6.35
N THR A 146 -18.24 -11.22 -6.67
CA THR A 146 -16.84 -11.18 -7.07
C THR A 146 -15.92 -11.56 -5.92
N THR A 147 -14.96 -12.42 -6.24
CA THR A 147 -13.89 -12.82 -5.34
C THR A 147 -12.59 -12.96 -6.15
N TRP A 148 -11.49 -13.21 -5.46
CA TRP A 148 -10.18 -13.30 -6.09
C TRP A 148 -9.23 -14.04 -5.15
N GLY A 149 -7.97 -14.18 -5.59
CA GLY A 149 -7.01 -15.02 -4.90
C GLY A 149 -6.14 -14.24 -3.92
N LEU A 150 -5.09 -14.92 -3.47
CA LEU A 150 -4.19 -14.42 -2.43
C LEU A 150 -3.41 -13.20 -2.92
N GLY A 151 -3.15 -12.26 -2.02
CA GLY A 151 -2.31 -11.13 -2.36
C GLY A 151 -2.84 -9.78 -1.91
N GLY A 152 -4.13 -9.70 -1.60
CA GLY A 152 -4.70 -8.47 -1.07
C GLY A 152 -5.23 -7.51 -2.11
N THR A 153 -5.50 -6.28 -1.65
CA THR A 153 -6.19 -5.27 -2.46
C THR A 153 -5.34 -4.82 -3.63
N CYS A 154 -4.11 -4.40 -3.36
CA CYS A 154 -3.24 -3.89 -4.43
C CYS A 154 -3.13 -4.89 -5.59
N VAL A 155 -2.81 -6.13 -5.26
CA VAL A 155 -2.54 -7.16 -6.24
C VAL A 155 -3.77 -7.45 -7.09
N ASN A 156 -4.93 -7.58 -6.44
CA ASN A 156 -6.13 -8.10 -7.10
C ASN A 156 -7.09 -7.03 -7.59
N VAL A 157 -7.29 -5.94 -6.85
CA VAL A 157 -8.34 -5.00 -7.17
C VAL A 157 -7.90 -3.57 -6.84
N GLY A 158 -6.61 -3.30 -7.01
CA GLY A 158 -6.01 -2.04 -6.57
C GLY A 158 -4.86 -1.63 -7.46
N CYS A 159 -3.70 -1.28 -6.88
CA CYS A 159 -2.63 -0.64 -7.65
CA CYS A 159 -2.63 -0.63 -7.65
C CYS A 159 -2.31 -1.37 -8.93
N ILE A 160 -2.21 -2.70 -8.87
CA ILE A 160 -1.70 -3.46 -10.01
C ILE A 160 -2.67 -3.40 -11.19
N PRO A 161 -3.91 -3.90 -11.06
CA PRO A 161 -4.83 -3.82 -12.21
C PRO A 161 -5.10 -2.39 -12.61
N LYS A 162 -5.20 -1.49 -11.63
CA LYS A 162 -5.49 -0.09 -11.94
C LYS A 162 -4.38 0.51 -12.79
N LYS A 163 -3.12 0.28 -12.43
CA LYS A 163 -2.07 0.88 -13.26
C LYS A 163 -1.98 0.21 -14.63
N LEU A 164 -2.30 -1.08 -14.69
CA LEU A 164 -2.31 -1.75 -15.98
C LEU A 164 -3.36 -1.14 -16.90
N MET A 165 -4.55 -0.87 -16.37
CA MET A 165 -5.60 -0.27 -17.20
C MET A 165 -5.27 1.19 -17.52
N HIS A 166 -4.58 1.88 -16.61
CA HIS A 166 -4.03 3.20 -16.90
C HIS A 166 -3.09 3.14 -18.10
N GLN A 167 -2.23 2.13 -18.11
CA GLN A 167 -1.28 1.96 -19.21
C GLN A 167 -2.01 1.70 -20.52
N ALA A 168 -3.05 0.88 -20.47
CA ALA A 168 -3.91 0.69 -21.65
C ALA A 168 -4.42 2.03 -22.14
N GLY A 169 -4.79 2.90 -21.21
CA GLY A 169 -5.30 4.21 -21.57
C GLY A 169 -4.22 5.09 -22.15
N LEU A 170 -3.03 5.08 -21.53
CA LEU A 170 -1.93 5.91 -22.02
C LEU A 170 -1.54 5.51 -23.42
N LEU A 171 -1.69 4.22 -23.75
CA LEU A 171 -1.34 3.76 -25.09
C LEU A 171 -2.23 4.37 -26.15
N SER A 172 -3.43 4.82 -25.78
CA SER A 172 -4.26 5.58 -26.70
C SER A 172 -3.51 6.80 -27.24
N HIS A 173 -2.89 7.55 -26.33
CA HIS A 173 -2.13 8.74 -26.71
C HIS A 173 -0.89 8.35 -27.49
N ALA A 174 -0.26 7.24 -27.09
CA ALA A 174 0.89 6.74 -27.82
C ALA A 174 0.54 6.44 -29.28
N LEU A 175 -0.66 5.90 -29.53
CA LEU A 175 -1.08 5.64 -30.91
C LEU A 175 -1.30 6.93 -31.68
N GLU A 176 -1.90 7.93 -31.04
CA GLU A 176 -2.05 9.24 -31.68
C GLU A 176 -0.67 9.83 -32.00
N ASP A 177 0.23 9.79 -31.02
CA ASP A 177 1.53 10.43 -31.18
C ASP A 177 2.35 9.77 -32.28
N ALA A 178 2.23 8.44 -32.39
CA ALA A 178 3.07 7.69 -33.34
C ALA A 178 2.92 8.23 -34.74
N GLU A 179 1.73 8.69 -35.12
CA GLU A 179 1.54 9.25 -36.45
C GLU A 179 2.46 10.44 -36.69
N HIS A 180 2.47 11.37 -35.74
CA HIS A 180 3.28 12.57 -35.91
C HIS A 180 4.77 12.26 -35.94
N PHE A 181 5.17 11.17 -35.29
CA PHE A 181 6.56 10.76 -35.31
C PHE A 181 6.91 9.93 -36.54
N GLY A 182 5.95 9.73 -37.44
CA GLY A 182 6.21 9.13 -38.73
C GLY A 182 5.65 7.74 -38.97
N TRP A 183 4.94 7.16 -38.02
CA TRP A 183 4.40 5.82 -38.21
C TRP A 183 3.09 5.90 -38.99
N SER A 184 2.82 4.86 -39.78
CA SER A 184 1.77 4.91 -40.78
C SER A 184 0.38 4.57 -40.25
N LEU A 185 0.21 4.38 -38.95
CA LEU A 185 -1.10 4.01 -38.44
C LEU A 185 -2.08 5.18 -38.50
N ASP A 186 -3.36 4.85 -38.53
CA ASP A 186 -4.45 5.81 -38.46
C ASP A 186 -5.23 5.54 -37.17
N ARG A 187 -5.01 6.39 -36.17
CA ARG A 187 -5.60 6.17 -34.84
C ARG A 187 -7.11 6.08 -34.91
N SER A 188 -7.72 6.87 -35.80
CA SER A 188 -9.19 6.96 -35.86
C SER A 188 -9.82 5.63 -36.25
N LYS A 189 -9.06 4.71 -36.83
CA LYS A 189 -9.58 3.40 -37.21
C LYS A 189 -9.23 2.30 -36.21
N ILE A 190 -8.64 2.66 -35.08
CA ILE A 190 -8.24 1.69 -34.06
C ILE A 190 -9.21 1.81 -32.89
N SER A 191 -9.65 0.66 -32.38
CA SER A 191 -10.59 0.59 -31.27
C SER A 191 -10.01 -0.27 -30.16
N HIS A 192 -10.65 -0.24 -29.01
CA HIS A 192 -10.19 -1.00 -27.86
C HIS A 192 -11.22 -2.07 -27.49
N ASN A 193 -10.71 -3.23 -27.08
CA ASN A 193 -11.52 -4.38 -26.68
C ASN A 193 -11.32 -4.59 -25.18
N TRP A 194 -12.35 -4.28 -24.39
CA TRP A 194 -12.30 -4.44 -22.95
C TRP A 194 -11.95 -5.86 -22.56
N SER A 195 -12.65 -6.85 -23.15
CA SER A 195 -12.46 -8.23 -22.70
C SER A 195 -11.02 -8.69 -22.92
N THR A 196 -10.39 -8.27 -24.03
CA THR A 196 -8.99 -8.65 -24.25
C THR A 196 -8.09 -8.09 -23.16
N MET A 197 -8.31 -6.83 -22.80
CA MET A 197 -7.51 -6.21 -21.76
C MET A 197 -7.72 -6.92 -20.42
N VAL A 198 -8.98 -7.16 -20.04
CA VAL A 198 -9.24 -7.77 -18.74
C VAL A 198 -8.61 -9.14 -18.67
N GLU A 199 -8.70 -9.91 -19.76
CA GLU A 199 -8.07 -11.21 -19.79
C GLU A 199 -6.57 -11.10 -19.53
N GLY A 200 -5.91 -10.13 -20.15
CA GLY A 200 -4.48 -9.96 -19.89
C GLY A 200 -4.17 -9.55 -18.47
N VAL A 201 -4.90 -8.55 -17.95
CA VAL A 201 -4.73 -8.12 -16.56
C VAL A 201 -4.95 -9.29 -15.62
N GLN A 202 -6.04 -10.04 -15.82
CA GLN A 202 -6.37 -11.12 -14.92
C GLN A 202 -5.36 -12.26 -15.00
N SER A 203 -4.80 -12.51 -16.19
CA SER A 203 -3.75 -13.52 -16.28
C SER A 203 -2.53 -13.13 -15.45
N HIS A 204 -2.13 -11.85 -15.47
CA HIS A 204 -1.02 -11.44 -14.61
C HIS A 204 -1.38 -11.57 -13.12
N ILE A 205 -2.57 -11.09 -12.73
CA ILE A 205 -3.00 -11.25 -11.34
C ILE A 205 -2.93 -12.71 -10.91
N GLY A 206 -3.41 -13.60 -11.77
CA GLY A 206 -3.35 -15.02 -11.44
C GLY A 206 -1.94 -15.53 -11.22
N SER A 207 -0.98 -15.03 -12.00
CA SER A 207 0.41 -15.41 -11.78
C SER A 207 0.88 -14.89 -10.43
N LEU A 208 0.39 -13.74 -9.99
CA LEU A 208 0.73 -13.26 -8.66
C LEU A 208 0.06 -14.10 -7.57
N ASN A 209 -1.25 -14.39 -7.70
CA ASN A 209 -1.90 -15.27 -6.73
C ASN A 209 -1.10 -16.56 -6.56
N TRP A 210 -0.80 -17.23 -7.66
CA TRP A 210 -0.09 -18.50 -7.62
C TRP A 210 1.31 -18.32 -7.03
N GLY A 211 2.00 -17.26 -7.43
CA GLY A 211 3.36 -17.03 -6.94
C GLY A 211 3.44 -16.84 -5.44
N TYR A 212 2.43 -16.18 -4.86
CA TYR A 212 2.37 -16.03 -3.40
C TYR A 212 2.19 -17.36 -2.70
N LYS A 213 1.26 -18.18 -3.20
CA LYS A 213 1.08 -19.51 -2.62
C LYS A 213 2.36 -20.32 -2.70
N VAL A 214 3.06 -20.27 -3.85
CA VAL A 214 4.30 -21.02 -4.00
C VAL A 214 5.34 -20.52 -3.02
N ALA A 215 5.50 -19.20 -2.93
CA ALA A 215 6.53 -18.60 -2.08
C ALA A 215 6.32 -18.99 -0.62
N LEU A 216 5.07 -18.91 -0.15
CA LEU A 216 4.77 -19.27 1.23
C LEU A 216 5.13 -20.72 1.50
N ARG A 217 4.73 -21.62 0.60
CA ARG A 217 5.11 -23.01 0.72
C ARG A 217 6.63 -23.14 0.81
N ASP A 218 7.34 -22.53 -0.14
CA ASP A 218 8.78 -22.65 -0.20
C ASP A 218 9.47 -22.02 1.01
N ASN A 219 8.84 -21.07 1.66
CA ASN A 219 9.38 -20.46 2.87
C ASN A 219 8.84 -21.10 4.13
N GLN A 220 8.16 -22.24 4.01
CA GLN A 220 7.63 -22.99 5.16
C GLN A 220 6.60 -22.17 5.97
N VAL A 221 5.90 -21.25 5.31
CA VAL A 221 4.81 -20.50 5.93
C VAL A 221 3.50 -21.23 5.65
N THR A 222 2.69 -21.42 6.68
CA THR A 222 1.40 -22.09 6.51
C THR A 222 0.36 -21.10 6.01
N TYR A 223 -0.16 -21.35 4.81
CA TYR A 223 -1.22 -20.54 4.24
C TYR A 223 -2.56 -21.21 4.51
N LEU A 224 -3.46 -20.47 5.17
CA LEU A 224 -4.83 -20.93 5.39
C LEU A 224 -5.79 -19.97 4.71
N ASN A 225 -6.55 -20.48 3.75
CA ASN A 225 -7.59 -19.71 3.09
C ASN A 225 -8.83 -19.80 3.96
N ALA A 226 -8.82 -19.00 5.02
CA ALA A 226 -9.84 -19.06 6.05
C ALA A 226 -9.98 -17.69 6.69
N LYS A 227 -11.18 -17.38 7.13
CA LYS A 227 -11.43 -16.15 7.84
C LYS A 227 -11.00 -16.32 9.28
N GLY A 228 -10.16 -15.40 9.77
CA GLY A 228 -9.68 -15.45 11.13
C GLY A 228 -10.42 -14.46 12.00
N ARG A 229 -10.71 -14.88 13.23
CA ARG A 229 -11.27 -13.99 14.25
C ARG A 229 -10.48 -14.19 15.52
N LEU A 230 -9.95 -13.09 16.04
CA LEU A 230 -9.16 -13.11 17.27
C LEU A 230 -10.15 -13.10 18.43
N ILE A 231 -10.25 -14.23 19.14
CA ILE A 231 -11.23 -14.37 20.22
C ILE A 231 -10.58 -14.20 21.59
N SER A 232 -9.26 -14.26 21.68
CA SER A 232 -8.52 -13.91 22.88
C SER A 232 -7.09 -13.59 22.45
N PRO A 233 -6.27 -13.00 23.32
CA PRO A 233 -4.97 -12.47 22.83
C PRO A 233 -4.17 -13.47 22.00
N HIS A 234 -4.29 -14.77 22.28
CA HIS A 234 -3.46 -15.78 21.64
C HIS A 234 -4.25 -16.79 20.83
N GLU A 235 -5.57 -16.68 20.75
CA GLU A 235 -6.41 -17.65 20.05
C GLU A 235 -7.08 -17.00 18.86
N VAL A 236 -6.94 -17.63 17.70
CA VAL A 236 -7.58 -17.19 16.48
C VAL A 236 -8.54 -18.30 16.06
N GLN A 237 -9.82 -17.95 15.99
CA GLN A 237 -10.83 -18.84 15.44
C GLN A 237 -10.84 -18.70 13.93
N ILE A 238 -10.73 -19.82 13.21
CA ILE A 238 -10.68 -19.81 11.76
C ILE A 238 -11.90 -20.53 11.21
N THR A 239 -12.46 -19.99 10.13
CA THR A 239 -13.57 -20.60 9.41
C THR A 239 -13.15 -20.79 7.97
N ASP A 240 -13.11 -22.05 7.51
CA ASP A 240 -12.63 -22.32 6.17
C ASP A 240 -13.80 -22.28 5.18
N LYS A 241 -13.52 -22.56 3.91
CA LYS A 241 -14.57 -22.41 2.91
C LYS A 241 -15.65 -23.47 3.02
N ASN A 242 -15.42 -24.54 3.76
CA ASN A 242 -16.47 -25.50 4.08
C ASN A 242 -17.22 -25.14 5.36
N GLN A 243 -16.98 -23.95 5.91
CA GLN A 243 -17.63 -23.48 7.13
C GLN A 243 -17.20 -24.26 8.36
N LYS A 244 -16.12 -25.03 8.28
CA LYS A 244 -15.60 -25.73 9.45
C LYS A 244 -14.85 -24.77 10.34
N VAL A 245 -15.18 -24.78 11.64
CA VAL A 245 -14.66 -23.80 12.59
C VAL A 245 -13.68 -24.50 13.52
N SER A 246 -12.51 -23.88 13.72
CA SER A 246 -11.52 -24.41 14.64
C SER A 246 -10.73 -23.25 15.25
N THR A 247 -9.81 -23.59 16.15
CA THR A 247 -9.00 -22.59 16.87
C THR A 247 -7.52 -22.93 16.76
N ILE A 248 -6.73 -21.96 16.33
CA ILE A 248 -5.28 -22.06 16.36
C ILE A 248 -4.77 -21.01 17.32
N THR A 249 -3.62 -21.28 17.92
CA THR A 249 -3.00 -20.35 18.85
C THR A 249 -1.67 -19.85 18.30
N GLY A 250 -1.33 -18.63 18.68
CA GLY A 250 -0.10 -18.00 18.23
C GLY A 250 0.42 -17.12 19.34
N ASN A 251 1.75 -17.00 19.38
CA ASN A 251 2.40 -16.12 20.36
C ASN A 251 2.15 -14.67 19.99
N LYS A 252 2.65 -14.23 18.82
CA LYS A 252 2.39 -12.90 18.31
C LYS A 252 1.29 -12.97 17.27
N ILE A 253 0.49 -11.91 17.19
CA ILE A 253 -0.59 -11.77 16.23
C ILE A 253 -0.37 -10.47 15.48
N ILE A 254 -0.42 -10.53 14.15
CA ILE A 254 -0.42 -9.31 13.35
C ILE A 254 -1.78 -9.21 12.66
N LEU A 255 -2.48 -8.12 12.91
CA LEU A 255 -3.72 -7.81 12.21
C LEU A 255 -3.36 -7.03 10.95
N ALA A 256 -3.73 -7.56 9.80
CA ALA A 256 -3.39 -6.94 8.53
C ALA A 256 -4.55 -7.15 7.56
N THR A 257 -5.76 -6.81 8.00
CA THR A 257 -7.00 -7.19 7.32
C THR A 257 -7.47 -6.16 6.29
N GLY A 258 -6.85 -4.98 6.23
CA GLY A 258 -7.18 -4.03 5.19
C GLY A 258 -8.60 -3.50 5.25
N GLU A 259 -9.02 -2.92 4.13
CA GLU A 259 -10.31 -2.27 4.00
C GLU A 259 -11.03 -2.77 2.75
N ARG A 260 -12.29 -2.40 2.62
CA ARG A 260 -13.11 -2.63 1.44
C ARG A 260 -13.87 -1.38 1.09
N PRO A 261 -14.35 -1.24 -0.15
CA PRO A 261 -15.09 -0.05 -0.55
C PRO A 261 -16.36 0.17 0.28
N LYS A 262 -16.68 1.45 0.47
CA LYS A 262 -17.92 1.87 1.10
C LYS A 262 -19.02 1.95 0.06
N TYR A 263 -20.21 1.66 0.49
CA TYR A 263 -21.37 2.01 -0.30
C TYR A 263 -22.19 3.05 0.44
N PRO A 264 -22.73 4.06 -0.24
CA PRO A 264 -23.69 4.94 0.44
C PRO A 264 -25.00 4.21 0.72
N GLU A 265 -25.65 4.65 1.79
CA GLU A 265 -26.92 4.07 2.24
C GLU A 265 -28.05 4.72 1.44
N ILE A 266 -28.19 4.28 0.19
CA ILE A 266 -29.28 4.75 -0.66
C ILE A 266 -29.84 3.57 -1.43
N PRO A 267 -31.15 3.62 -1.74
CA PRO A 267 -31.75 2.49 -2.46
C PRO A 267 -31.02 2.26 -3.76
N GLY A 268 -30.78 0.98 -4.06
CA GLY A 268 -30.21 0.56 -5.32
C GLY A 268 -28.70 0.52 -5.37
N ALA A 269 -28.02 1.10 -4.38
CA ALA A 269 -26.56 1.20 -4.47
C ALA A 269 -25.92 -0.18 -4.47
N VAL A 270 -26.22 -0.97 -3.44
CA VAL A 270 -25.63 -2.30 -3.33
C VAL A 270 -26.13 -3.21 -4.44
N GLU A 271 -27.39 -3.07 -4.83
CA GLU A 271 -28.01 -4.01 -5.77
C GLU A 271 -27.52 -3.78 -7.20
N TYR A 272 -27.36 -2.51 -7.60
CA TYR A 272 -27.18 -2.15 -8.99
C TYR A 272 -25.85 -1.49 -9.32
N GLY A 273 -25.17 -0.86 -8.35
CA GLY A 273 -23.85 -0.31 -8.58
C GLY A 273 -22.77 -1.36 -8.44
N ILE A 274 -21.54 -0.96 -8.76
CA ILE A 274 -20.36 -1.77 -8.52
C ILE A 274 -19.32 -0.87 -7.86
N THR A 275 -18.21 -1.49 -7.45
CA THR A 275 -17.05 -0.75 -6.97
C THR A 275 -15.82 -1.21 -7.72
N SER A 276 -14.68 -0.62 -7.35
CA SER A 276 -13.41 -1.04 -7.90
C SER A 276 -13.17 -2.53 -7.68
N ASP A 277 -13.76 -3.11 -6.62
CA ASP A 277 -13.58 -4.55 -6.40
C ASP A 277 -14.11 -5.35 -7.57
N ASP A 278 -15.13 -4.85 -8.26
CA ASP A 278 -15.74 -5.57 -9.36
C ASP A 278 -15.15 -5.15 -10.70
N LEU A 279 -14.67 -3.92 -10.79
CA LEU A 279 -14.35 -3.34 -12.09
C LEU A 279 -13.23 -4.11 -12.79
N PHE A 280 -12.22 -4.53 -12.05
CA PHE A 280 -11.00 -5.01 -12.68
C PHE A 280 -11.12 -6.42 -13.23
N SER A 281 -12.24 -7.11 -12.99
CA SER A 281 -12.53 -8.38 -13.63
C SER A 281 -13.88 -8.36 -14.35
N LEU A 282 -14.43 -7.19 -14.57
CA LEU A 282 -15.79 -7.09 -15.07
C LEU A 282 -15.91 -7.81 -16.40
N PRO A 283 -16.91 -8.70 -16.58
CA PRO A 283 -16.99 -9.48 -17.82
C PRO A 283 -17.83 -8.81 -18.89
N TYR A 284 -17.91 -7.49 -18.85
CA TYR A 284 -18.56 -6.67 -19.87
C TYR A 284 -17.97 -5.28 -19.76
N PHE A 285 -17.92 -4.55 -20.87
CA PHE A 285 -17.42 -3.19 -20.82
C PHE A 285 -18.44 -2.33 -20.08
N PRO A 286 -18.01 -1.43 -19.19
CA PRO A 286 -19.00 -0.68 -18.40
C PRO A 286 -19.92 0.17 -19.25
N GLY A 287 -19.46 0.62 -20.42
CA GLY A 287 -20.28 1.45 -21.26
C GLY A 287 -20.35 2.86 -20.72
N LYS A 288 -21.51 3.50 -20.89
CA LYS A 288 -21.68 4.84 -20.32
C LYS A 288 -21.67 4.72 -18.80
N THR A 289 -20.66 5.33 -18.17
CA THR A 289 -20.36 5.07 -16.78
C THR A 289 -20.48 6.34 -15.95
N LEU A 290 -21.09 6.21 -14.77
CA LEU A 290 -21.06 7.26 -13.76
C LEU A 290 -20.17 6.77 -12.63
N VAL A 291 -19.13 7.55 -12.31
CA VAL A 291 -18.27 7.28 -11.17
C VAL A 291 -18.70 8.25 -10.07
N ILE A 292 -19.13 7.72 -8.93
CA ILE A 292 -19.59 8.53 -7.82
C ILE A 292 -18.44 8.59 -6.83
N GLY A 293 -17.93 9.79 -6.60
CA GLY A 293 -16.76 9.97 -5.76
C GLY A 293 -15.71 10.81 -6.47
N ALA A 294 -14.71 11.20 -5.67
CA ALA A 294 -13.72 12.15 -6.17
C ALA A 294 -12.34 11.87 -5.57
N SER A 295 -12.18 10.66 -5.02
CA SER A 295 -10.93 10.14 -4.53
C SER A 295 -9.96 9.86 -5.67
N TYR A 296 -8.71 9.54 -5.32
CA TYR A 296 -7.80 9.12 -6.36
C TYR A 296 -8.33 7.87 -7.07
N VAL A 297 -9.00 6.96 -6.35
CA VAL A 297 -9.54 5.78 -7.02
C VAL A 297 -10.56 6.21 -8.06
N ALA A 298 -11.48 7.09 -7.67
CA ALA A 298 -12.52 7.53 -8.58
C ALA A 298 -11.92 8.16 -9.84
N LEU A 299 -11.02 9.12 -9.66
CA LEU A 299 -10.43 9.82 -10.81
C LEU A 299 -9.56 8.89 -11.66
N GLU A 300 -8.79 7.98 -11.04
CA GLU A 300 -7.97 7.06 -11.81
C GLU A 300 -8.83 6.18 -12.71
N CYS A 301 -9.91 5.63 -12.15
CA CYS A 301 -10.80 4.77 -12.92
C CYS A 301 -11.56 5.52 -13.99
N ALA A 302 -12.04 6.73 -13.67
CA ALA A 302 -12.72 7.53 -14.67
C ALA A 302 -11.78 7.84 -15.80
N GLY A 303 -10.51 8.13 -15.47
CA GLY A 303 -9.54 8.54 -16.46
C GLY A 303 -9.25 7.45 -17.48
N PHE A 304 -8.95 6.24 -17.01
CA PHE A 304 -8.67 5.21 -17.99
C PHE A 304 -9.93 4.76 -18.71
N LEU A 305 -11.10 4.79 -18.07
CA LEU A 305 -12.30 4.42 -18.81
C LEU A 305 -12.52 5.37 -19.97
N ALA A 306 -12.24 6.66 -19.76
CA ALA A 306 -12.48 7.62 -20.83
C ALA A 306 -11.47 7.44 -21.96
N SER A 307 -10.21 7.14 -21.61
CA SER A 307 -9.17 6.94 -22.61
C SER A 307 -9.39 5.66 -23.40
N LEU A 308 -10.12 4.70 -22.85
CA LEU A 308 -10.48 3.49 -23.56
C LEU A 308 -11.77 3.63 -24.35
N GLY A 309 -12.24 4.86 -24.56
CA GLY A 309 -13.42 5.12 -25.37
C GLY A 309 -14.73 5.24 -24.62
N GLY A 310 -14.74 5.22 -23.29
CA GLY A 310 -15.99 5.29 -22.57
C GLY A 310 -16.55 6.70 -22.48
N ASP A 311 -17.88 6.77 -22.33
CA ASP A 311 -18.59 7.99 -21.99
C ASP A 311 -18.67 8.05 -20.47
N VAL A 312 -17.90 8.93 -19.84
CA VAL A 312 -17.63 8.86 -18.41
C VAL A 312 -18.04 10.18 -17.75
N THR A 313 -18.79 10.08 -16.65
CA THR A 313 -19.12 11.20 -15.78
C THR A 313 -18.69 10.88 -14.36
N VAL A 314 -18.16 11.89 -13.67
CA VAL A 314 -17.76 11.80 -12.27
C VAL A 314 -18.69 12.70 -11.47
N MET A 315 -19.36 12.13 -10.47
CA MET A 315 -20.23 12.90 -9.59
C MET A 315 -19.46 13.30 -8.34
N VAL A 316 -19.31 14.61 -8.13
CA VAL A 316 -18.44 15.17 -7.09
C VAL A 316 -19.28 15.88 -6.02
N ARG A 317 -19.23 15.36 -4.80
CA ARG A 317 -19.99 15.94 -3.69
C ARG A 317 -19.53 17.37 -3.39
N SER A 318 -18.22 17.57 -3.27
CA SER A 318 -17.65 18.88 -3.00
CA SER A 318 -17.66 18.89 -3.00
C SER A 318 -16.41 19.15 -3.84
N ILE A 319 -15.28 18.59 -3.44
CA ILE A 319 -14.00 18.88 -4.09
C ILE A 319 -13.35 17.59 -4.59
N LEU A 320 -12.38 17.76 -5.49
CA LEU A 320 -11.53 16.67 -5.95
C LEU A 320 -10.39 16.41 -4.98
N LEU A 321 -10.05 15.14 -4.80
CA LEU A 321 -8.83 14.75 -4.09
C LEU A 321 -8.70 15.47 -2.75
N ARG A 322 -9.75 15.42 -1.94
CA ARG A 322 -9.67 16.00 -0.60
C ARG A 322 -8.46 15.45 0.15
N GLY A 323 -7.75 16.34 0.82
CA GLY A 323 -6.52 15.98 1.50
C GLY A 323 -5.26 16.17 0.67
N PHE A 324 -5.40 16.34 -0.64
CA PHE A 324 -4.28 16.67 -1.53
C PHE A 324 -4.30 18.17 -1.81
N ASP A 325 -3.12 18.67 -2.21
CA ASP A 325 -2.97 20.05 -2.66
C ASP A 325 -4.04 20.41 -3.66
N GLN A 326 -4.83 21.44 -3.36
CA GLN A 326 -6.04 21.68 -4.13
C GLN A 326 -5.76 22.41 -5.42
N GLN A 327 -4.68 23.18 -5.49
CA GLN A 327 -4.25 23.70 -6.78
C GLN A 327 -3.95 22.56 -7.73
N MET A 328 -3.22 21.54 -7.26
CA MET A 328 -2.89 20.41 -8.10
C MET A 328 -4.14 19.60 -8.45
N ALA A 329 -5.01 19.39 -7.47
CA ALA A 329 -6.24 18.63 -7.74
C ALA A 329 -7.07 19.29 -8.83
N GLU A 330 -7.14 20.61 -8.80
CA GLU A 330 -7.88 21.35 -9.83
CA GLU A 330 -7.88 21.35 -9.83
C GLU A 330 -7.24 21.19 -11.19
N LYS A 331 -5.90 21.19 -11.27
CA LYS A 331 -5.24 21.01 -12.56
C LYS A 331 -5.47 19.60 -13.08
N VAL A 332 -5.46 18.63 -12.16
CA VAL A 332 -5.74 17.24 -12.52
C VAL A 332 -7.12 17.12 -13.16
N GLY A 333 -8.14 17.74 -12.52
CA GLY A 333 -9.49 17.65 -13.03
C GLY A 333 -9.70 18.45 -14.31
N ASP A 334 -9.09 19.64 -14.39
CA ASP A 334 -9.11 20.41 -15.63
C ASP A 334 -8.60 19.58 -16.80
N TYR A 335 -7.47 18.90 -16.62
CA TYR A 335 -6.96 18.06 -17.70
C TYR A 335 -7.96 16.96 -18.05
N MET A 336 -8.54 16.30 -17.05
CA MET A 336 -9.51 15.25 -17.33
C MET A 336 -10.71 15.80 -18.09
N GLU A 337 -11.18 16.98 -17.69
CA GLU A 337 -12.38 17.54 -18.31
C GLU A 337 -12.11 17.96 -19.75
N ASN A 338 -10.90 18.46 -20.01
CA ASN A 338 -10.50 18.80 -21.36
C ASN A 338 -10.22 17.57 -22.21
N HIS A 339 -10.08 16.39 -21.62
CA HIS A 339 -9.86 15.16 -22.37
C HIS A 339 -11.02 14.18 -22.22
N GLY A 340 -12.23 14.70 -22.14
CA GLY A 340 -13.39 13.86 -22.31
C GLY A 340 -14.01 13.26 -21.07
N VAL A 341 -13.63 13.69 -19.87
CA VAL A 341 -14.36 13.31 -18.67
C VAL A 341 -15.31 14.42 -18.29
N LYS A 342 -16.57 14.07 -18.05
CA LYS A 342 -17.57 15.02 -17.59
C LYS A 342 -17.70 14.94 -16.08
N PHE A 343 -18.03 16.08 -15.48
CA PHE A 343 -18.12 16.20 -14.03
C PHE A 343 -19.50 16.74 -13.66
N ALA A 344 -20.15 16.08 -12.71
CA ALA A 344 -21.39 16.58 -12.13
C ALA A 344 -21.01 17.11 -10.76
N LYS A 345 -20.96 18.43 -10.65
CA LYS A 345 -20.34 19.10 -9.52
C LYS A 345 -21.35 19.43 -8.43
N LEU A 346 -20.90 19.40 -7.19
CA LEU A 346 -21.72 19.73 -6.02
C LEU A 346 -22.98 18.85 -5.98
N CYS A 347 -22.77 17.56 -6.18
CA CYS A 347 -23.86 16.65 -6.51
C CYS A 347 -23.70 15.35 -5.76
N VAL A 348 -24.82 14.80 -5.30
CA VAL A 348 -24.83 13.54 -4.55
C VAL A 348 -25.96 12.67 -5.06
N PRO A 349 -25.79 11.34 -5.00
CA PRO A 349 -26.88 10.44 -5.46
C PRO A 349 -27.91 10.18 -4.38
N ASP A 350 -29.17 10.03 -4.83
CA ASP A 350 -30.29 9.70 -3.96
C ASP A 350 -30.79 8.27 -4.10
N GLU A 351 -30.70 7.70 -5.30
CA GLU A 351 -31.18 6.35 -5.53
C GLU A 351 -30.76 5.91 -6.92
N ILE A 352 -30.53 4.62 -7.06
CA ILE A 352 -30.22 3.98 -8.33
C ILE A 352 -31.39 3.06 -8.64
N LYS A 353 -32.03 3.25 -9.80
CA LYS A 353 -33.12 2.37 -10.23
C LYS A 353 -32.64 1.53 -11.40
N GLN A 354 -33.13 0.30 -11.50
CA GLN A 354 -32.67 -0.58 -12.55
C GLN A 354 -33.64 -0.51 -13.73
N LEU A 355 -33.12 -0.24 -14.91
CA LEU A 355 -33.92 -0.23 -16.13
C LEU A 355 -33.73 -1.47 -17.00
N LYS A 356 -32.54 -2.05 -16.97
CA LYS A 356 -32.23 -3.30 -17.66
C LYS A 356 -31.28 -4.11 -16.79
N VAL A 357 -31.59 -5.39 -16.64
CA VAL A 357 -30.73 -6.32 -15.90
C VAL A 357 -29.48 -6.63 -16.72
N VAL A 358 -28.34 -6.80 -16.04
CA VAL A 358 -27.12 -7.20 -16.73
C VAL A 358 -27.35 -8.51 -17.47
N ASP A 359 -26.88 -8.55 -18.71
CA ASP A 359 -27.08 -9.67 -19.64
C ASP A 359 -25.87 -10.61 -19.55
N THR A 360 -25.98 -11.62 -18.68
CA THR A 360 -24.84 -12.50 -18.40
C THR A 360 -24.39 -13.27 -19.65
N GLU A 361 -25.29 -13.52 -20.59
CA GLU A 361 -24.98 -14.22 -21.84
C GLU A 361 -24.39 -13.32 -22.89
N ASN A 362 -23.80 -12.19 -22.49
CA ASN A 362 -23.27 -11.23 -23.43
C ASN A 362 -22.27 -10.36 -22.69
N ASN A 363 -21.49 -9.61 -23.45
CA ASN A 363 -20.59 -8.63 -22.87
C ASN A 363 -21.26 -7.28 -22.74
N LYS A 364 -22.56 -7.25 -22.36
CA LYS A 364 -23.24 -5.97 -22.29
C LYS A 364 -23.61 -5.61 -20.86
N PRO A 365 -23.46 -4.35 -20.49
CA PRO A 365 -23.99 -3.90 -19.21
C PRO A 365 -25.51 -3.88 -19.23
N GLY A 366 -26.12 -3.60 -18.10
CA GLY A 366 -27.52 -3.27 -18.03
C GLY A 366 -27.73 -1.79 -18.28
N LEU A 367 -28.76 -1.25 -17.64
CA LEU A 367 -29.09 0.16 -17.76
C LEU A 367 -29.72 0.61 -16.45
N LEU A 368 -29.29 1.79 -15.99
CA LEU A 368 -29.64 2.29 -14.67
C LEU A 368 -30.13 3.72 -14.80
N LEU A 369 -31.04 4.10 -13.92
CA LEU A 369 -31.45 5.49 -13.77
C LEU A 369 -30.92 6.02 -12.44
N VAL A 370 -30.05 7.03 -12.51
CA VAL A 370 -29.49 7.66 -11.31
C VAL A 370 -30.26 8.94 -11.02
N LYS A 371 -30.83 9.03 -9.82
CA LYS A 371 -31.43 10.26 -9.34
C LYS A 371 -30.57 10.83 -8.23
N GLY A 372 -30.40 12.14 -8.25
CA GLY A 372 -29.59 12.78 -7.23
C GLY A 372 -30.01 14.22 -7.07
N HIS A 373 -29.19 15.02 -6.39
CA HIS A 373 -29.51 16.43 -6.25
C HIS A 373 -28.24 17.22 -5.97
N TYR A 374 -28.25 18.46 -6.43
CA TYR A 374 -27.18 19.41 -6.17
C TYR A 374 -27.42 20.11 -4.84
N THR A 375 -26.34 20.69 -4.30
CA THR A 375 -26.41 21.31 -2.98
C THR A 375 -27.45 22.42 -2.91
N ASP A 376 -27.80 23.04 -4.04
CA ASP A 376 -28.88 24.02 -4.03
C ASP A 376 -30.26 23.39 -4.14
N GLY A 377 -30.35 22.06 -4.11
CA GLY A 377 -31.63 21.39 -4.11
C GLY A 377 -32.13 20.94 -5.46
N LYS A 378 -31.51 21.39 -6.55
CA LYS A 378 -31.98 21.02 -7.87
C LYS A 378 -31.68 19.54 -8.14
N LYS A 379 -32.46 18.94 -9.03
CA LYS A 379 -32.45 17.50 -9.22
C LYS A 379 -31.47 17.08 -10.29
N PHE A 380 -30.79 15.98 -10.04
CA PHE A 380 -30.00 15.28 -11.04
C PHE A 380 -30.77 14.03 -11.43
N GLU A 381 -30.88 13.77 -12.74
CA GLU A 381 -31.52 12.55 -13.24
C GLU A 381 -30.95 12.20 -14.60
N GLU A 382 -30.28 11.05 -14.69
CA GLU A 382 -29.65 10.67 -15.96
C GLU A 382 -29.46 9.16 -15.96
N GLU A 383 -29.53 8.59 -17.16
CA GLU A 383 -29.33 7.15 -17.35
C GLU A 383 -27.86 6.83 -17.59
N PHE A 384 -27.42 5.74 -16.97
CA PHE A 384 -26.08 5.21 -17.18
C PHE A 384 -26.17 3.70 -17.29
N GLU A 385 -25.19 3.12 -17.98
CA GLU A 385 -25.11 1.68 -18.08
C GLU A 385 -24.42 1.08 -16.86
N THR A 386 -23.44 1.77 -16.30
CA THR A 386 -22.70 1.31 -15.12
C THR A 386 -22.54 2.48 -14.15
N VAL A 387 -22.74 2.19 -12.87
CA VAL A 387 -22.49 3.15 -11.78
C VAL A 387 -21.45 2.55 -10.86
N ILE A 388 -20.31 3.24 -10.72
CA ILE A 388 -19.20 2.80 -9.89
C ILE A 388 -19.15 3.69 -8.66
N PHE A 389 -19.29 3.11 -7.46
CA PHE A 389 -19.11 3.85 -6.22
C PHE A 389 -17.63 3.82 -5.84
N ALA A 390 -17.04 5.00 -5.72
CA ALA A 390 -15.66 5.17 -5.27
C ALA A 390 -15.63 6.30 -4.25
N VAL A 391 -16.37 6.10 -3.16
CA VAL A 391 -16.60 7.13 -2.15
C VAL A 391 -15.83 6.84 -0.87
N GLY A 392 -14.77 6.06 -0.95
CA GLY A 392 -13.94 5.76 0.20
C GLY A 392 -13.97 4.29 0.55
N ARG A 393 -13.06 3.93 1.44
CA ARG A 393 -12.88 2.56 1.90
C ARG A 393 -12.91 2.54 3.43
N GLU A 394 -13.27 1.40 4.01
CA GLU A 394 -13.40 1.33 5.46
C GLU A 394 -12.91 -0.02 5.97
N PRO A 395 -12.42 -0.08 7.22
CA PRO A 395 -12.04 -1.37 7.80
C PRO A 395 -13.27 -2.19 8.15
N GLN A 396 -13.02 -3.47 8.41
CA GLN A 396 -14.08 -4.47 8.55
C GLN A 396 -13.90 -5.27 9.83
N LEU A 397 -13.44 -4.62 10.92
CA LEU A 397 -12.81 -5.38 11.99
C LEU A 397 -13.78 -6.00 12.98
N SER A 398 -14.95 -5.40 13.21
CA SER A 398 -15.82 -6.02 14.21
C SER A 398 -16.16 -7.45 13.83
N LYS A 399 -16.07 -7.77 12.53
CA LYS A 399 -16.11 -9.12 12.00
C LYS A 399 -14.81 -9.90 12.26
N VAL A 400 -13.78 -9.24 12.79
CA VAL A 400 -12.50 -9.88 13.06
C VAL A 400 -12.10 -9.77 14.51
N LEU A 401 -12.73 -8.89 15.30
CA LEU A 401 -12.31 -8.59 16.66
C LEU A 401 -13.50 -8.62 17.60
N CYS A 402 -13.64 -9.73 18.33
CA CYS A 402 -14.47 -9.72 19.52
C CYS A 402 -14.04 -8.57 20.40
N GLU A 403 -14.98 -7.67 20.75
CA GLU A 403 -14.66 -6.58 21.66
C GLU A 403 -14.04 -7.10 22.96
N THR A 404 -14.33 -8.35 23.31
CA THR A 404 -13.79 -9.00 24.49
C THR A 404 -12.27 -8.90 24.59
N VAL A 405 -11.57 -8.82 23.44
CA VAL A 405 -10.14 -9.05 23.49
C VAL A 405 -9.42 -7.82 24.04
N GLY A 406 -9.95 -6.63 23.79
CA GLY A 406 -9.38 -5.42 24.35
C GLY A 406 -8.48 -4.64 23.40
N VAL A 407 -8.63 -4.84 22.10
CA VAL A 407 -7.88 -4.10 21.08
C VAL A 407 -8.65 -2.81 20.79
N LYS A 408 -8.04 -1.68 21.10
CA LYS A 408 -8.74 -0.40 21.02
C LYS A 408 -8.86 0.05 19.57
N LEU A 409 -10.07 0.46 19.16
CA LEU A 409 -10.30 1.03 17.84
C LEU A 409 -10.69 2.49 17.98
N ASP A 410 -10.45 3.26 16.92
CA ASP A 410 -10.85 4.67 16.94
C ASP A 410 -12.27 4.80 16.39
N LYS A 411 -12.75 6.04 16.31
CA LYS A 411 -14.12 6.31 15.90
C LYS A 411 -14.40 5.77 14.50
N ASN A 412 -13.37 5.61 13.69
CA ASN A 412 -13.50 5.12 12.31
C ASN A 412 -13.36 3.61 12.19
N GLY A 413 -13.17 2.90 13.31
CA GLY A 413 -12.98 1.47 13.26
C GLY A 413 -11.55 1.03 12.96
N ARG A 414 -10.58 1.93 12.99
CA ARG A 414 -9.18 1.55 12.78
C ARG A 414 -8.46 1.34 14.11
N VAL A 415 -7.38 0.55 14.05
CA VAL A 415 -6.68 0.11 15.26
C VAL A 415 -5.73 1.19 15.75
N VAL A 416 -5.79 1.46 17.06
CA VAL A 416 -4.96 2.48 17.69
C VAL A 416 -3.66 1.83 18.13
N CYS A 417 -2.54 2.28 17.55
CA CYS A 417 -1.25 1.63 17.72
C CYS A 417 -0.22 2.61 18.22
N THR A 418 0.76 2.09 18.94
CA THR A 418 1.94 2.88 19.25
C THR A 418 2.86 2.89 18.02
N ASP A 419 3.98 3.62 18.14
CA ASP A 419 4.83 3.83 16.97
C ASP A 419 5.62 2.58 16.59
N ASP A 420 5.45 1.48 17.31
CA ASP A 420 6.00 0.18 16.93
C ASP A 420 4.91 -0.80 16.51
N GLU A 421 3.72 -0.29 16.16
CA GLU A 421 2.58 -1.04 15.63
C GLU A 421 1.89 -1.91 16.67
N GLN A 422 2.25 -1.77 17.94
CA GLN A 422 1.59 -2.53 18.99
C GLN A 422 0.19 -1.97 19.28
N THR A 423 -0.77 -2.88 19.41
CA THR A 423 -2.10 -2.51 19.86
C THR A 423 -2.13 -2.37 21.38
N THR A 424 -3.33 -2.22 21.94
CA THR A 424 -3.52 -2.18 23.38
C THR A 424 -3.44 -3.56 24.01
N VAL A 425 -3.27 -4.61 23.22
CA VAL A 425 -2.97 -5.95 23.71
C VAL A 425 -1.52 -6.25 23.35
N SER A 426 -0.72 -6.63 24.35
CA SER A 426 0.74 -6.49 24.22
C SER A 426 1.33 -7.33 23.09
N ASN A 427 0.72 -8.47 22.76
CA ASN A 427 1.26 -9.39 21.77
C ASN A 427 0.60 -9.25 20.40
N VAL A 428 -0.28 -8.26 20.25
CA VAL A 428 -1.08 -8.09 19.04
C VAL A 428 -0.65 -6.77 18.43
N TYR A 429 -0.38 -6.81 17.13
CA TYR A 429 0.10 -5.68 16.37
C TYR A 429 -0.80 -5.49 15.17
N ALA A 430 -0.75 -4.31 14.59
CA ALA A 430 -1.53 -4.02 13.41
C ALA A 430 -0.70 -3.24 12.40
N ILE A 431 -0.86 -3.58 11.12
CA ILE A 431 -0.11 -2.97 10.04
C ILE A 431 -1.04 -2.69 8.87
N GLY A 432 -0.58 -1.83 7.98
CA GLY A 432 -1.33 -1.53 6.77
C GLY A 432 -2.48 -0.57 7.01
N ASP A 433 -3.50 -0.69 6.16
CA ASP A 433 -4.53 0.33 6.09
C ASP A 433 -5.32 0.44 7.39
N ILE A 434 -5.41 -0.64 8.18
CA ILE A 434 -6.20 -0.58 9.41
C ILE A 434 -5.47 0.08 10.57
N ASN A 435 -4.20 0.41 10.42
CA ASN A 435 -3.45 1.09 11.47
C ASN A 435 -3.79 2.57 11.42
N ALA A 436 -4.49 3.05 12.44
CA ALA A 436 -5.04 4.38 12.45
C ALA A 436 -3.97 5.44 12.24
N GLY A 437 -4.28 6.44 11.40
CA GLY A 437 -3.47 7.61 11.24
C GLY A 437 -2.32 7.47 10.26
N LYS A 438 -2.08 6.24 9.71
CA LYS A 438 -0.94 6.07 8.81
C LYS A 438 -1.36 6.20 7.35
N PRO A 439 -0.44 6.63 6.50
CA PRO A 439 -0.71 6.65 5.06
C PRO A 439 -1.09 5.26 4.59
N GLN A 440 -2.14 5.19 3.79
CA GLN A 440 -2.73 3.91 3.39
C GLN A 440 -2.22 3.56 1.99
N LEU A 441 -1.04 2.97 1.96
CA LEU A 441 -0.27 2.76 0.75
C LEU A 441 0.44 1.42 0.86
N THR A 442 0.52 0.71 -0.27
CA THR A 442 1.10 -0.63 -0.26
C THR A 442 2.54 -0.65 0.24
N PRO A 443 3.43 0.26 -0.20
CA PRO A 443 4.83 0.21 0.28
C PRO A 443 4.98 0.54 1.75
N VAL A 444 4.07 1.35 2.30
CA VAL A 444 4.04 1.59 3.73
C VAL A 444 3.74 0.30 4.48
N ALA A 445 2.71 -0.42 4.03
CA ALA A 445 2.32 -1.65 4.70
C ALA A 445 3.45 -2.68 4.63
N ILE A 446 4.13 -2.76 3.48
CA ILE A 446 5.23 -3.70 3.31
C ILE A 446 6.38 -3.35 4.23
N GLN A 447 6.76 -2.07 4.28
CA GLN A 447 7.85 -1.66 5.15
C GLN A 447 7.48 -1.88 6.62
N ALA A 448 6.27 -1.48 7.02
CA ALA A 448 5.85 -1.68 8.40
C ALA A 448 5.89 -3.16 8.78
N GLY A 449 5.39 -4.02 7.89
CA GLY A 449 5.35 -5.45 8.18
C GLY A 449 6.73 -6.07 8.24
N ARG A 450 7.60 -5.73 7.29
CA ARG A 450 8.94 -6.29 7.33
C ARG A 450 9.69 -5.82 8.56
N TYR A 451 9.62 -4.51 8.85
CA TYR A 451 10.39 -3.97 9.96
C TYR A 451 9.86 -4.49 11.30
N LEU A 452 8.55 -4.65 11.42
CA LEU A 452 7.98 -5.22 12.64
C LEU A 452 8.46 -6.65 12.83
N ALA A 453 8.47 -7.45 11.75
CA ALA A 453 8.90 -8.84 11.87
C ALA A 453 10.32 -8.92 12.40
N ARG A 454 11.18 -8.02 11.93
CA ARG A 454 12.57 -8.01 12.41
C ARG A 454 12.64 -7.67 13.88
N ARG A 455 11.84 -6.70 14.34
CA ARG A 455 11.84 -6.36 15.76
C ARG A 455 11.35 -7.53 16.60
N LEU A 456 10.31 -8.24 16.12
CA LEU A 456 9.77 -9.34 16.91
C LEU A 456 10.74 -10.49 16.98
N PHE A 457 11.38 -10.84 15.87
CA PHE A 457 12.05 -12.12 15.81
C PHE A 457 13.54 -12.03 15.53
N ALA A 458 14.09 -10.85 15.31
CA ALA A 458 15.53 -10.72 15.08
C ALA A 458 16.17 -9.65 15.94
N GLY A 459 15.51 -9.20 17.00
CA GLY A 459 16.11 -8.20 17.87
C GLY A 459 16.36 -6.85 17.25
N ALA A 460 15.72 -6.54 16.13
CA ALA A 460 15.90 -5.23 15.53
C ALA A 460 15.18 -4.18 16.37
N THR A 461 15.58 -2.92 16.17
CA THR A 461 14.97 -1.81 16.90
C THR A 461 14.40 -0.76 15.96
N GLU A 462 14.72 -0.83 14.67
CA GLU A 462 14.34 0.22 13.75
C GLU A 462 12.83 0.27 13.55
N LEU A 463 12.29 1.47 13.63
CA LEU A 463 10.88 1.74 13.42
C LEU A 463 10.65 2.19 11.99
N THR A 464 9.40 2.05 11.55
CA THR A 464 8.96 2.63 10.29
C THR A 464 8.75 4.13 10.45
N ASP A 465 9.25 4.88 9.48
CA ASP A 465 9.12 6.33 9.43
C ASP A 465 7.96 6.63 8.48
N TYR A 466 6.86 7.16 9.02
CA TYR A 466 5.66 7.40 8.25
C TYR A 466 5.56 8.83 7.72
N SER A 467 6.59 9.65 7.88
CA SER A 467 6.54 11.05 7.47
C SER A 467 7.03 11.23 6.03
N ASN A 468 6.43 12.21 5.34
CA ASN A 468 6.84 12.59 4.00
C ASN A 468 6.85 11.41 3.05
N VAL A 469 5.83 10.56 3.15
CA VAL A 469 5.67 9.45 2.23
C VAL A 469 5.11 9.96 0.91
N ALA A 470 5.86 9.76 -0.17
CA ALA A 470 5.47 10.25 -1.48
C ALA A 470 4.28 9.46 -2.03
N THR A 471 3.50 10.12 -2.87
CA THR A 471 2.35 9.52 -3.53
C THR A 471 2.39 9.80 -5.03
N THR A 472 1.65 9.01 -5.79
CA THR A 472 1.35 9.36 -7.17
C THR A 472 -0.06 8.90 -7.51
N VAL A 473 -0.84 9.84 -7.99
CA VAL A 473 -2.18 9.59 -8.51
C VAL A 473 -2.06 9.33 -10.01
N PHE A 474 -2.52 8.16 -10.45
CA PHE A 474 -2.32 7.74 -11.84
C PHE A 474 -3.51 8.12 -12.69
N THR A 475 -3.84 9.41 -12.62
CA THR A 475 -4.79 9.99 -13.52
C THR A 475 -4.18 10.11 -14.91
N PRO A 476 -4.99 10.47 -15.93
CA PRO A 476 -4.46 10.48 -17.31
C PRO A 476 -3.21 11.32 -17.45
N LEU A 477 -3.19 12.50 -16.84
CA LEU A 477 -1.95 13.21 -16.56
C LEU A 477 -1.67 12.98 -15.08
N GLU A 478 -0.53 12.35 -14.79
CA GLU A 478 -0.23 11.83 -13.47
C GLU A 478 0.22 12.95 -12.52
N TYR A 479 -0.05 12.76 -11.23
CA TYR A 479 0.24 13.76 -10.19
C TYR A 479 1.05 13.12 -9.08
N GLY A 480 2.30 13.52 -8.95
CA GLY A 480 3.18 13.02 -7.91
C GLY A 480 3.43 14.09 -6.87
N ALA A 481 3.53 13.68 -5.61
CA ALA A 481 3.76 14.63 -4.53
C ALA A 481 4.57 13.97 -3.43
N CYS A 482 5.30 14.82 -2.71
CA CYS A 482 5.98 14.37 -1.51
C CYS A 482 6.02 15.53 -0.54
N GLY A 483 5.42 15.34 0.63
CA GLY A 483 5.43 16.37 1.65
C GLY A 483 4.14 17.16 1.71
N LEU A 484 4.25 18.41 2.12
CA LEU A 484 3.05 19.18 2.42
C LEU A 484 2.43 19.78 1.17
N SER A 485 1.10 19.85 1.18
CA SER A 485 0.43 20.73 0.25
C SER A 485 0.78 22.18 0.57
N GLU A 486 0.62 23.03 -0.42
CA GLU A 486 0.85 24.44 -0.20
C GLU A 486 -0.04 25.00 0.90
N GLU A 487 -1.33 24.67 0.87
CA GLU A 487 -2.25 25.21 1.89
C GLU A 487 -1.89 24.71 3.29
N ASP A 488 -1.47 23.46 3.42
CA ASP A 488 -1.08 22.97 4.75
C ASP A 488 0.18 23.67 5.25
N ALA A 489 1.13 23.93 4.34
CA ALA A 489 2.32 24.66 4.71
C ALA A 489 1.98 26.05 5.20
N ILE A 490 1.09 26.74 4.49
CA ILE A 490 0.74 28.10 4.87
C ILE A 490 -0.02 28.09 6.19
N GLU A 491 -0.87 27.09 6.41
CA GLU A 491 -1.58 27.00 7.69
C GLU A 491 -0.60 26.80 8.84
N LYS A 492 0.40 25.94 8.64
CA LYS A 492 1.30 25.60 9.73
C LYS A 492 2.27 26.72 10.06
N TYR A 493 2.81 27.39 9.05
CA TYR A 493 3.88 28.36 9.25
C TYR A 493 3.51 29.80 8.93
N GLY A 494 2.38 30.04 8.29
CA GLY A 494 2.03 31.40 7.91
C GLY A 494 2.51 31.73 6.52
N ASP A 495 1.71 32.54 5.81
CA ASP A 495 2.01 32.84 4.40
C ASP A 495 3.36 33.55 4.26
N LYS A 496 3.73 34.40 5.23
CA LYS A 496 4.96 35.16 5.06
C LYS A 496 6.20 34.29 5.19
N ASP A 497 6.08 33.10 5.76
CA ASP A 497 7.21 32.20 5.90
C ASP A 497 7.27 31.15 4.79
N ILE A 498 6.34 31.18 3.84
CA ILE A 498 6.30 30.20 2.77
C ILE A 498 6.67 30.89 1.46
N GLU A 499 7.61 30.28 0.74
CA GLU A 499 7.94 30.69 -0.62
C GLU A 499 7.67 29.49 -1.52
N VAL A 500 7.00 29.74 -2.64
CA VAL A 500 6.63 28.70 -3.57
C VAL A 500 7.30 29.02 -4.91
N TYR A 501 8.16 28.14 -5.36
CA TYR A 501 8.77 28.24 -6.68
C TYR A 501 8.02 27.30 -7.62
N HIS A 502 7.69 27.78 -8.83
CA HIS A 502 6.87 26.95 -9.71
C HIS A 502 7.21 27.24 -11.16
N SER A 503 6.74 26.34 -12.03
CA SER A 503 6.90 26.47 -13.46
C SER A 503 6.00 25.47 -14.17
N ASN A 504 5.37 25.92 -15.26
CA ASN A 504 4.89 24.98 -16.25
C ASN A 504 6.07 24.35 -17.00
N PHE A 505 5.79 23.25 -17.70
CA PHE A 505 6.79 22.68 -18.59
C PHE A 505 6.08 21.87 -19.68
N LYS A 506 6.82 21.56 -20.73
CA LYS A 506 6.29 20.77 -21.84
C LYS A 506 7.25 19.60 -22.04
N PRO A 507 6.80 18.37 -21.88
CA PRO A 507 7.66 17.24 -22.24
C PRO A 507 8.11 17.38 -23.68
N LEU A 508 9.40 17.15 -23.93
CA LEU A 508 9.89 17.17 -25.30
C LEU A 508 9.06 16.25 -26.18
N GLU A 509 8.63 15.12 -25.61
CA GLU A 509 7.84 14.14 -26.34
C GLU A 509 6.51 14.73 -26.83
N TRP A 510 6.04 15.79 -26.19
CA TRP A 510 4.79 16.43 -26.58
C TRP A 510 4.96 17.45 -27.69
N THR A 511 6.19 17.78 -28.11
CA THR A 511 6.39 18.85 -29.09
C THR A 511 5.98 18.39 -30.49
N VAL A 512 6.65 17.37 -31.00
CA VAL A 512 6.30 16.85 -32.32
C VAL A 512 4.88 16.29 -32.31
N ALA A 513 4.41 15.87 -31.14
CA ALA A 513 3.07 15.28 -31.01
C ALA A 513 1.95 16.32 -30.92
N HIS A 514 2.27 17.61 -30.88
CA HIS A 514 1.27 18.68 -30.86
C HIS A 514 0.36 18.60 -29.63
N ARG A 515 0.93 18.29 -28.47
CA ARG A 515 0.19 18.34 -27.22
C ARG A 515 0.39 19.70 -26.53
N GLU A 516 -0.22 19.85 -25.35
CA GLU A 516 -0.41 21.17 -24.76
C GLU A 516 0.86 21.71 -24.14
N ASP A 517 1.04 23.03 -24.25
CA ASP A 517 2.30 23.64 -23.85
C ASP A 517 2.38 23.99 -22.37
N ASN A 518 1.26 24.31 -21.72
CA ASN A 518 1.30 24.82 -20.34
C ASN A 518 0.29 24.09 -19.46
N VAL A 519 0.32 22.76 -19.53
CA VAL A 519 -0.51 21.94 -18.68
C VAL A 519 0.30 21.21 -17.63
N CYS A 520 1.45 20.65 -18.01
CA CYS A 520 2.34 20.09 -17.01
C CYS A 520 2.86 21.20 -16.10
N TYR A 521 3.04 20.87 -14.83
CA TYR A 521 3.28 21.90 -13.82
C TYR A 521 4.02 21.29 -12.65
N MET A 522 4.92 22.06 -12.06
CA MET A 522 5.62 21.59 -10.87
C MET A 522 5.88 22.77 -9.94
N LYS A 523 5.98 22.46 -8.66
CA LYS A 523 6.23 23.51 -7.69
C LYS A 523 6.93 22.92 -6.49
N LEU A 524 7.69 23.79 -5.80
CA LEU A 524 8.35 23.47 -4.55
C LEU A 524 7.83 24.47 -3.52
N VAL A 525 7.25 23.94 -2.44
CA VAL A 525 6.73 24.72 -1.34
C VAL A 525 7.81 24.74 -0.27
N CYS A 526 8.35 25.92 0.03
CA CYS A 526 9.53 26.04 0.85
C CYS A 526 9.29 26.96 2.05
N ARG A 527 10.11 26.75 3.08
CA ARG A 527 10.02 27.51 4.33
C ARG A 527 11.21 28.47 4.43
N LYS A 528 10.92 29.76 4.34
CA LYS A 528 11.97 30.78 4.32
C LYS A 528 12.84 30.73 5.58
N SER A 529 12.21 30.70 6.76
CA SER A 529 12.94 30.79 8.02
C SER A 529 13.75 29.54 8.33
N ASP A 530 13.63 28.48 7.54
CA ASP A 530 14.43 27.27 7.74
C ASP A 530 15.29 27.02 6.51
N ASN A 531 16.00 28.05 6.06
CA ASN A 531 16.95 27.93 4.95
C ASN A 531 16.27 27.43 3.67
N MET A 532 15.02 27.84 3.46
CA MET A 532 14.25 27.47 2.27
C MET A 532 14.11 25.96 2.15
N ARG A 533 13.93 25.31 3.31
CA ARG A 533 13.64 23.89 3.36
C ARG A 533 12.47 23.54 2.44
N VAL A 534 12.61 22.46 1.68
CA VAL A 534 11.54 22.00 0.80
C VAL A 534 10.52 21.25 1.67
N LEU A 535 9.36 21.87 1.88
CA LEU A 535 8.29 21.24 2.67
C LEU A 535 7.43 20.33 1.82
N GLY A 536 7.29 20.65 0.54
CA GLY A 536 6.48 19.84 -0.34
C GLY A 536 6.91 20.02 -1.77
N LEU A 537 6.92 18.91 -2.49
CA LEU A 537 7.18 18.86 -3.91
C LEU A 537 5.94 18.32 -4.61
N HIS A 538 5.61 18.91 -5.76
CA HIS A 538 4.41 18.58 -6.52
C HIS A 538 4.72 18.62 -8.01
N VAL A 539 4.30 17.58 -8.74
CA VAL A 539 4.50 17.57 -10.20
C VAL A 539 3.29 16.92 -10.86
N LEU A 540 2.77 17.62 -11.87
CA LEU A 540 1.73 17.12 -12.77
C LEU A 540 2.40 16.92 -14.11
N GLY A 541 2.52 15.66 -14.54
CA GLY A 541 3.07 15.36 -15.83
C GLY A 541 3.22 13.87 -16.06
N PRO A 542 3.73 13.49 -17.22
CA PRO A 542 3.96 12.07 -17.50
C PRO A 542 4.99 11.48 -16.56
N ASN A 543 4.81 10.20 -16.27
CA ASN A 543 5.78 9.46 -15.49
C ASN A 543 6.02 10.12 -14.12
N ALA A 544 4.96 10.71 -13.55
CA ALA A 544 5.11 11.49 -12.33
C ALA A 544 5.65 10.66 -11.16
N GLY A 545 5.35 9.37 -11.12
CA GLY A 545 5.87 8.55 -10.05
C GLY A 545 7.38 8.34 -10.17
N GLU A 546 7.86 8.16 -11.40
CA GLU A 546 9.29 8.01 -11.60
C GLU A 546 9.99 9.32 -11.29
N ILE A 547 9.37 10.44 -11.66
CA ILE A 547 9.94 11.74 -11.36
C ILE A 547 10.07 11.91 -9.85
N THR A 548 9.00 11.64 -9.11
CA THR A 548 8.89 12.04 -7.73
C THR A 548 9.78 11.19 -6.83
N GLN A 549 9.91 9.90 -7.14
CA GLN A 549 10.46 8.96 -6.16
C GLN A 549 11.80 9.43 -5.62
N GLY A 550 12.74 9.72 -6.51
CA GLY A 550 14.09 10.06 -6.08
C GLY A 550 14.12 11.26 -5.15
N TYR A 551 13.28 12.26 -5.41
CA TYR A 551 13.27 13.44 -4.56
C TYR A 551 12.79 13.14 -3.14
N ALA A 552 12.02 12.06 -2.96
CA ALA A 552 11.55 11.70 -1.62
C ALA A 552 12.71 11.34 -0.71
N VAL A 553 13.79 10.78 -1.27
CA VAL A 553 15.01 10.56 -0.48
C VAL A 553 15.60 11.90 -0.05
N ALA A 554 15.69 12.85 -0.98
CA ALA A 554 16.31 14.13 -0.65
C ALA A 554 15.47 14.88 0.38
N ILE A 555 14.15 14.83 0.24
CA ILE A 555 13.27 15.47 1.22
C ILE A 555 13.39 14.78 2.58
N LYS A 556 13.44 13.45 2.58
CA LYS A 556 13.69 12.71 3.82
C LYS A 556 14.94 13.24 4.51
N MET A 557 15.97 13.56 3.73
CA MET A 557 17.23 14.07 4.26
C MET A 557 17.21 15.56 4.57
N GLY A 558 16.08 16.23 4.35
CA GLY A 558 15.97 17.65 4.65
C GLY A 558 16.45 18.58 3.54
N ALA A 559 16.18 18.22 2.29
CA ALA A 559 16.66 19.04 1.19
C ALA A 559 16.14 20.47 1.30
N THR A 560 16.98 21.42 0.90
CA THR A 560 16.59 22.81 0.75
C THR A 560 16.50 23.17 -0.72
N LYS A 561 15.95 24.36 -0.98
CA LYS A 561 15.97 24.86 -2.35
C LYS A 561 17.41 24.91 -2.88
N ALA A 562 18.37 25.28 -2.04
CA ALA A 562 19.75 25.33 -2.51
C ALA A 562 20.26 23.95 -2.94
N ASP A 563 19.77 22.88 -2.28
CA ASP A 563 20.19 21.54 -2.68
C ASP A 563 19.67 21.19 -4.07
N PHE A 564 18.45 21.65 -4.41
CA PHE A 564 17.92 21.44 -5.75
C PHE A 564 18.71 22.26 -6.77
N ASP A 565 19.01 23.52 -6.43
CA ASP A 565 19.69 24.41 -7.36
C ASP A 565 21.10 23.93 -7.67
N ARG A 566 21.84 23.46 -6.66
CA ARG A 566 23.23 23.08 -6.91
C ARG A 566 23.34 21.76 -7.63
N THR A 567 22.24 21.04 -7.76
CA THR A 567 22.21 19.81 -8.53
C THR A 567 22.03 20.14 -10.00
N ILE A 568 22.69 19.36 -10.87
CA ILE A 568 22.65 19.59 -12.30
C ILE A 568 21.57 18.71 -12.92
N GLY A 569 20.81 19.29 -13.84
CA GLY A 569 19.76 18.52 -14.49
C GLY A 569 20.29 17.48 -15.46
N ILE A 570 19.45 16.47 -15.71
CA ILE A 570 19.60 15.51 -16.81
C ILE A 570 18.74 15.99 -17.99
N HIS A 571 19.37 16.13 -19.15
CA HIS A 571 18.68 16.71 -20.30
C HIS A 571 18.66 15.73 -21.47
N PRO A 572 17.51 15.60 -22.18
CA PRO A 572 16.22 16.24 -21.94
C PRO A 572 15.30 15.37 -21.10
N THR A 573 14.87 15.87 -19.94
CA THR A 573 13.87 15.19 -19.13
C THR A 573 12.82 16.19 -18.64
N CYS A 574 11.71 15.64 -18.16
CA CYS A 574 10.77 16.46 -17.42
C CYS A 574 11.33 16.81 -16.05
N SER A 575 11.96 15.84 -15.39
CA SER A 575 12.36 16.03 -14.00
C SER A 575 13.39 17.15 -13.83
N GLU A 576 14.22 17.41 -14.84
CA GLU A 576 15.29 18.39 -14.65
C GLU A 576 14.77 19.79 -14.34
N THR A 577 13.50 20.08 -14.68
CA THR A 577 12.98 21.41 -14.42
C THR A 577 12.96 21.73 -12.92
N PHE A 578 12.99 20.70 -12.08
CA PHE A 578 13.07 20.93 -10.64
C PHE A 578 14.39 21.55 -10.23
N THR A 579 15.43 21.47 -11.07
CA THR A 579 16.77 21.96 -10.72
C THR A 579 17.02 23.39 -11.14
N THR A 580 16.08 24.03 -11.82
CA THR A 580 16.26 25.41 -12.25
C THR A 580 15.07 26.30 -11.94
N LEU A 581 14.23 25.92 -10.97
CA LEU A 581 13.05 26.73 -10.68
C LEU A 581 13.50 28.07 -10.10
N HIS A 582 12.84 29.13 -10.54
CA HIS A 582 13.21 30.46 -10.07
C HIS A 582 12.02 31.40 -9.90
N VAL A 583 10.90 31.12 -10.56
CA VAL A 583 9.73 32.01 -10.48
C VAL A 583 8.99 31.74 -9.18
N THR A 584 8.88 32.75 -8.33
CA THR A 584 8.12 32.59 -7.09
C THR A 584 6.67 33.03 -7.28
N LYS A 585 5.77 32.41 -6.52
CA LYS A 585 4.39 32.87 -6.54
C LYS A 585 4.29 34.31 -6.06
N LYS A 586 5.09 34.66 -5.05
CA LYS A 586 5.05 36.03 -4.52
C LYS A 586 5.33 37.04 -5.61
N SER A 587 6.21 36.71 -6.57
CA SER A 587 6.62 37.67 -7.57
C SER A 587 5.49 38.05 -8.51
N GLY A 588 4.47 37.20 -8.64
CA GLY A 588 3.38 37.45 -9.57
C GLY A 588 3.70 37.13 -11.02
N VAL A 589 4.93 36.72 -11.34
CA VAL A 589 5.32 36.44 -12.72
C VAL A 589 4.68 35.14 -13.20
N SER A 590 4.15 35.17 -14.42
CA SER A 590 3.45 34.00 -14.92
C SER A 590 4.39 32.79 -14.97
N PRO A 591 3.89 31.60 -14.64
CA PRO A 591 4.74 30.39 -14.71
C PRO A 591 4.88 29.79 -16.10
N ILE A 592 4.20 30.33 -17.11
CA ILE A 592 4.22 29.74 -18.45
C ILE A 592 5.60 29.91 -19.09
PA FAD B . -5.02 -5.61 1.96
O1A FAD B . -6.39 -5.08 1.60
O2A FAD B . -4.02 -5.55 0.82
O5B FAD B . -5.09 -7.16 2.46
C5B FAD B . -5.88 -7.49 3.56
C4B FAD B . -6.26 -8.96 3.32
O4B FAD B . -6.78 -9.48 4.39
C3B FAD B . -7.35 -8.97 2.22
O3B FAD B . -7.13 -10.01 1.36
C2B FAD B . -8.63 -9.24 3.04
O2B FAD B . -9.65 -9.88 2.17
C1B FAD B . -8.20 -10.08 3.95
N9A FAD B . -9.01 -10.19 5.14
C8A FAD B . -9.82 -9.25 5.63
N7A FAD B . -10.37 -9.72 6.77
C5A FAD B . -9.88 -10.95 6.97
C6A FAD B . -10.10 -11.88 7.94
N6A FAD B . -10.90 -11.86 9.14
N1A FAD B . -9.48 -13.05 7.89
C2A FAD B . -8.63 -13.34 6.89
N3A FAD B . -8.41 -12.42 5.91
C4A FAD B . -9.04 -11.23 5.97
N1 FAD B . -1.55 2.09 -2.99
C2 FAD B . -0.31 2.59 -3.60
O2 FAD B . 0.65 2.70 -2.93
N3 FAD B . -0.26 2.94 -5.06
C4 FAD B . -1.46 2.79 -5.88
O4 FAD B . -1.40 3.06 -7.06
C4X FAD B . -2.73 2.29 -5.22
N5 FAD B . -3.93 2.09 -6.00
C5X FAD B . -5.17 1.58 -5.36
C6 FAD B . -6.31 1.43 -6.15
C7 FAD B . -7.49 0.96 -5.58
C7M FAD B . -8.53 0.90 -6.69
C8 FAD B . -7.51 0.65 -4.21
C8M FAD B . -8.85 0.13 -3.73
C9 FAD B . -6.39 0.79 -3.42
C9A FAD B . -5.19 1.26 -3.98
N10 FAD B . -3.96 1.43 -3.15
C10 FAD B . -2.76 1.95 -3.79
C1' FAD B . -3.93 1.11 -1.71
C2' FAD B . -3.29 -0.25 -1.41
O2' FAD B . -3.94 -1.27 -2.10
C3' FAD B . -3.47 -0.58 0.08
O3' FAD B . -2.87 0.41 0.88
C4' FAD B . -2.83 -1.93 0.37
O4' FAD B . -3.37 -2.99 -0.40
C5' FAD B . -3.06 -2.20 1.86
O5' FAD B . -2.40 -3.36 2.22
P FAD B . -3.00 -4.12 3.55
O1P FAD B . -2.07 -5.26 3.91
O2P FAD B . -3.22 -3.16 4.70
O3P FAD B . -4.51 -4.70 3.24
H51A FAD B . -5.37 -7.40 4.38
H52A FAD B . -6.67 -6.93 3.59
H4B FAD B . -5.49 -9.47 3.03
H3B FAD B . -7.40 -8.13 1.76
HO3A FAD B . -7.25 -9.74 0.57
H2B FAD B . -8.95 -8.42 3.44
HO2A FAD B . -10.20 -9.29 1.89
H1B FAD B . -8.07 -10.97 3.55
H8A FAD B . -9.97 -8.40 5.26
H61A FAD B . -10.54 -11.76 9.91
H62A FAD B . -11.76 -11.96 9.08
H2A FAD B . -8.20 -14.16 6.86
HN3 FAD B . 0.47 3.23 -5.40
H6 FAD B . -6.28 1.65 -7.05
HM71 FAD B . -9.19 1.61 -6.56
HM72 FAD B . -8.09 1.02 -7.55
HM73 FAD B . -8.99 0.04 -6.66
HM81 FAD B . -9.52 0.81 -3.86
HM82 FAD B . -9.10 -0.66 -4.24
HM83 FAD B . -8.79 -0.10 -2.79
H9 FAD B . -6.43 0.57 -2.53
H1'1 FAD B . -4.85 1.10 -1.38
H1'2 FAD B . -3.45 1.81 -1.24
H2' FAD B . -2.35 -0.23 -1.63
HO2' FAD B . -3.76 -1.20 -2.93
H3' FAD B . -4.42 -0.62 0.28
HO3' FAD B . -2.05 0.22 0.99
H4' FAD B . -1.87 -1.87 0.20
HO4' FAD B . -2.74 -3.49 -0.69
H5'1 FAD B . -4.01 -2.28 2.03
H5'2 FAD B . -2.71 -1.45 2.37
C10 FXK C . -15.45 19.11 -9.34
C03 FXK C . -13.55 19.94 -11.03
C04 FXK C . -12.83 20.12 -12.16
C05 FXK C . -12.92 20.64 -10.00
C06 FXK C . -11.74 20.93 -11.86
C07 FXK C . -14.87 19.12 -10.72
C08 FXK C . -13.13 19.55 -13.53
C09 FXK C . -13.51 20.64 -8.55
C11 FXK C . -14.77 19.86 -8.25
N02 FXK C . -11.82 21.25 -10.53
O01 FXK C . -13.91 20.47 -14.24
H101 FXK C . -16.22 18.63 -9.16
H061 FXK C . -11.09 21.22 -12.46
H071 FXK C . -15.28 18.65 -11.41
H081 FXK C . -13.63 18.71 -13.43
H082 FXK C . -12.31 19.37 -14.00
H091 FXK C . -13.09 21.11 -7.86
H111 FXK C . -15.13 19.85 -7.39
H021 FXK C . -11.25 21.74 -10.10
H011 FXK C . -13.41 21.11 -14.50
S DMS D . -26.73 -8.04 -4.59
O DMS D . -26.16 -7.25 -5.72
C1 DMS D . -28.28 -7.26 -4.05
C2 DMS D . -27.26 -9.62 -5.30
H11 DMS D . -28.93 -7.16 -4.88
H12 DMS D . -28.74 -7.86 -3.31
H13 DMS D . -28.07 -6.30 -3.66
H21 DMS D . -27.76 -10.20 -4.57
H22 DMS D . -27.93 -9.43 -6.11
H23 DMS D . -26.42 -10.15 -5.66
C1 PGE E . 1.71 33.24 -8.61
O1 PGE E . 1.19 34.23 -9.49
C2 PGE E . 0.95 31.96 -8.73
O2 PGE E . -0.43 32.18 -8.43
C3 PGE E . -1.22 31.02 -8.24
C4 PGE E . -0.71 29.79 -8.97
O4 PGE E . -0.02 27.60 -13.04
C6 PGE E . -0.77 28.33 -12.07
C5 PGE E . 0.14 29.04 -11.09
O3 PGE E . -0.58 30.02 -10.36
H1 PGE E . 1.68 33.56 -7.56
H12 PGE E . 2.77 33.02 -8.85
HO1 PGE E . 1.92 34.54 -10.05
H2 PGE E . 1.05 31.56 -9.76
H22 PGE E . 1.38 31.21 -8.05
H3 PGE E . -1.29 30.78 -7.17
H32 PGE E . -2.25 31.22 -8.59
H4 PGE E . 0.27 29.50 -8.55
H42 PGE E . -1.41 28.95 -8.79
HO4 PGE E . 0.05 26.69 -12.73
H6 PGE E . -1.42 27.65 -11.49
H62 PGE E . -1.42 29.08 -12.54
H5 PGE E . 0.97 29.50 -11.64
H52 PGE E . 0.57 28.30 -10.40
K K F . 12.15 1.52 1.95
K K G . 8.30 -0.96 1.12
#